data_6JQW
#
_entry.id   6JQW
#
_cell.length_a   57.691
_cell.length_b   93.763
_cell.length_c   128.811
_cell.angle_alpha   90.00
_cell.angle_beta   90.00
_cell.angle_gamma   90.00
#
_symmetry.space_group_name_H-M   'P 21 21 21'
#
loop_
_entity.id
_entity.type
_entity.pdbx_description
1 polymer 'Salicylate decarboxylase'
2 non-polymer 'ZINC ION'
3 water water
#
_entity_poly.entity_id   1
_entity_poly.type   'polypeptide(L)'
_entity_poly.pdbx_seq_one_letter_code
;GSMRGKVSLEEAFELPKFAAQTKEKAELYIAPNNRDRYFEEILNPCGNRLELSNKHGIGYTIYSIYSPGPQGWTERAECE
EYARECNDYISGEIANHKDRMGAFAALSMHDPKQASEELTRCVKELGFLGALVNDVQHAGPEGETHIFYDQPEWDIFWQT
CVDLDVPFYLHPEPPFGSYLRNQYEGRKYLIGPPVSFANGVSLHVLGMIVNGVFDRFPKLKVILGHLGEHIPGDFWRIEH
WFEHCSRPLAKSRGDVFAEKPLLHYFRNNIWLTTSGNFSTETLKFCVEHVGAERILFSVDSPYEHIDVGCGWYDDNAKAI
MEAVGGEKAYKDIGRDNAKKLFKLGKFYDSEA
;
_entity_poly.pdbx_strand_id   A,B
#
# COMPACT_ATOMS: atom_id res chain seq x y z
N GLY A 1 27.05 9.52 18.65
CA GLY A 1 27.17 8.53 17.60
C GLY A 1 26.74 9.03 16.24
N SER A 2 26.36 10.31 16.14
CA SER A 2 25.93 10.81 14.84
C SER A 2 27.12 10.93 13.91
N MET A 3 26.83 11.08 12.62
CA MET A 3 27.87 11.20 11.63
C MET A 3 27.61 12.38 10.70
N ARG A 4 28.69 12.90 10.12
CA ARG A 4 28.63 13.81 9.00
C ARG A 4 28.94 13.02 7.73
N GLY A 5 28.85 13.69 6.58
CA GLY A 5 29.06 13.04 5.30
C GLY A 5 27.89 12.18 4.83
N LYS A 6 26.71 12.37 5.40
CA LYS A 6 25.56 11.56 4.97
C LYS A 6 25.23 11.86 3.50
N VAL A 7 24.74 10.85 2.80
CA VAL A 7 24.29 11.02 1.43
C VAL A 7 22.77 11.11 1.45
N SER A 8 22.22 12.08 0.72
CA SER A 8 20.77 12.27 0.67
C SER A 8 20.36 12.42 -0.78
N LEU A 9 19.38 11.61 -1.24
CA LEU A 9 19.25 11.44 -2.68
C LEU A 9 17.82 11.39 -3.18
N GLU A 10 16.86 11.98 -2.46
CA GLU A 10 15.51 12.20 -2.99
C GLU A 10 15.13 13.67 -2.86
N GLU A 11 15.98 14.54 -3.41
CA GLU A 11 16.00 15.97 -3.09
C GLU A 11 15.67 16.73 -4.37
N ALA A 12 14.47 17.34 -4.40
CA ALA A 12 13.86 17.76 -5.64
C ALA A 12 14.05 19.25 -5.93
N PHE A 13 14.02 19.60 -7.22
CA PHE A 13 14.04 21.00 -7.67
C PHE A 13 13.05 21.17 -8.82
N GLU A 14 12.80 22.44 -9.19
CA GLU A 14 12.10 22.78 -10.42
C GLU A 14 12.91 23.88 -11.12
N LEU A 15 12.73 23.97 -12.43
CA LEU A 15 13.36 25.03 -13.19
C LEU A 15 12.89 26.38 -12.68
N PRO A 16 13.80 27.33 -12.43
CA PRO A 16 13.35 28.66 -11.98
C PRO A 16 12.31 29.30 -12.87
N LYS A 17 12.38 29.09 -14.19
CA LYS A 17 11.44 29.75 -15.07
C LYS A 17 10.01 29.24 -14.90
N PHE A 18 9.83 28.09 -14.25
CA PHE A 18 8.51 27.54 -13.97
C PHE A 18 8.11 27.75 -12.52
N ALA A 19 8.59 28.82 -11.89
CA ALA A 19 8.21 29.11 -10.51
C ALA A 19 6.70 29.07 -10.30
N ALA A 20 5.93 29.53 -11.29
CA ALA A 20 4.47 29.55 -11.12
C ALA A 20 3.90 28.15 -10.96
N GLN A 21 4.51 27.15 -11.61
CA GLN A 21 4.01 25.78 -11.49
C GLN A 21 4.18 25.25 -10.08
N THR A 22 5.14 25.77 -9.31
CA THR A 22 5.35 25.27 -7.97
C THR A 22 4.20 25.65 -7.03
N LYS A 23 3.40 26.67 -7.38
CA LYS A 23 2.26 27.02 -6.52
C LYS A 23 1.22 25.92 -6.50
N GLU A 24 1.04 25.20 -7.60
CA GLU A 24 0.07 24.10 -7.57
C GLU A 24 0.56 22.97 -6.70
N LYS A 25 1.87 22.71 -6.69
CA LYS A 25 2.41 21.69 -5.80
C LYS A 25 2.25 22.14 -4.34
N ALA A 26 2.48 23.42 -4.06
CA ALA A 26 2.31 23.89 -2.69
C ALA A 26 0.89 23.66 -2.18
N GLU A 27 -0.11 23.85 -3.05
CA GLU A 27 -1.49 23.64 -2.65
C GLU A 27 -1.81 22.17 -2.38
N LEU A 28 -1.04 21.24 -2.94
CA LEU A 28 -1.23 19.82 -2.64
C LEU A 28 -0.44 19.36 -1.43
N TYR A 29 0.73 19.96 -1.15
CA TYR A 29 1.71 19.30 -0.30
C TYR A 29 2.32 20.15 0.80
N ILE A 30 2.01 21.45 0.89
CA ILE A 30 2.77 22.33 1.76
C ILE A 30 1.82 23.13 2.65
N ALA A 31 1.96 22.97 3.96
CA ALA A 31 1.15 23.77 4.89
C ALA A 31 1.51 25.25 4.77
N PRO A 32 0.55 26.16 5.04
CA PRO A 32 0.83 27.60 4.88
C PRO A 32 2.11 28.09 5.55
N ASN A 33 2.40 27.64 6.79
CA ASN A 33 3.59 28.15 7.47
C ASN A 33 4.88 27.68 6.83
N ASN A 34 4.82 26.69 5.94
CA ASN A 34 6.00 26.15 5.30
C ASN A 34 6.17 26.63 3.86
N ARG A 35 5.28 27.50 3.36
CA ARG A 35 5.33 27.92 1.97
C ARG A 35 6.58 28.73 1.62
N ASP A 36 6.95 29.70 2.46
CA ASP A 36 8.11 30.53 2.11
C ASP A 36 9.36 29.67 1.96
N ARG A 37 9.56 28.73 2.90
CA ARG A 37 10.73 27.88 2.82
C ARG A 37 10.65 26.96 1.62
N TYR A 38 9.47 26.40 1.32
CA TYR A 38 9.33 25.53 0.16
C TYR A 38 9.70 26.25 -1.12
N PHE A 39 9.19 27.47 -1.31
CA PHE A 39 9.47 28.17 -2.56
C PHE A 39 10.94 28.50 -2.69
N GLU A 40 11.60 28.88 -1.59
CA GLU A 40 13.03 29.15 -1.64
C GLU A 40 13.82 27.89 -1.99
N GLU A 41 13.44 26.77 -1.39
CA GLU A 41 14.23 25.57 -1.59
C GLU A 41 14.03 24.97 -2.97
N ILE A 42 12.78 24.87 -3.42
CA ILE A 42 12.50 24.18 -4.68
C ILE A 42 13.16 24.89 -5.84
N LEU A 43 13.43 26.19 -5.73
CA LEU A 43 13.96 26.95 -6.85
C LEU A 43 15.43 27.31 -6.69
N ASN A 44 16.09 26.86 -5.63
CA ASN A 44 17.47 27.23 -5.38
C ASN A 44 18.26 26.05 -4.83
N PRO A 45 18.78 25.18 -5.71
CA PRO A 45 19.63 24.08 -5.25
C PRO A 45 20.82 24.50 -4.41
N CYS A 46 21.38 25.71 -4.62
CA CYS A 46 22.54 26.19 -3.89
C CYS A 46 22.17 27.19 -2.80
N GLY A 47 20.89 27.30 -2.47
CA GLY A 47 20.44 28.29 -1.51
C GLY A 47 20.48 27.80 -0.08
N ASN A 48 19.47 28.17 0.70
CA ASN A 48 19.50 27.81 2.12
C ASN A 48 19.46 26.30 2.35
N ARG A 49 18.93 25.53 1.39
CA ARG A 49 18.95 24.08 1.59
C ARG A 49 20.39 23.54 1.63
N LEU A 50 21.29 24.18 0.88
CA LEU A 50 22.69 23.79 0.96
C LEU A 50 23.29 24.20 2.30
N GLU A 51 22.93 25.40 2.78
CA GLU A 51 23.39 25.79 4.11
C GLU A 51 22.92 24.81 5.18
N LEU A 52 21.65 24.38 5.11
CA LEU A 52 21.14 23.42 6.07
C LEU A 52 21.84 22.07 5.93
N SER A 53 22.10 21.65 4.70
CA SER A 53 22.76 20.38 4.49
C SER A 53 24.17 20.40 5.08
N ASN A 54 24.90 21.49 4.88
CA ASN A 54 26.21 21.60 5.49
C ASN A 54 26.11 21.59 7.00
N LYS A 55 25.14 22.32 7.58
CA LYS A 55 25.03 22.38 9.03
C LYS A 55 24.71 21.01 9.61
N HIS A 56 23.83 20.26 8.94
CA HIS A 56 23.25 19.04 9.49
C HIS A 56 24.01 17.79 9.09
N GLY A 57 25.20 17.93 8.51
CA GLY A 57 26.05 16.77 8.28
C GLY A 57 25.73 15.94 7.07
N ILE A 58 25.20 16.56 6.02
CA ILE A 58 25.09 15.91 4.72
C ILE A 58 26.36 16.20 3.95
N GLY A 59 26.95 15.14 3.40
CA GLY A 59 28.15 15.25 2.59
C GLY A 59 27.88 15.30 1.10
N TYR A 60 26.76 14.75 0.65
CA TYR A 60 26.51 14.66 -0.79
C TYR A 60 25.01 14.63 -1.01
N THR A 61 24.51 15.58 -1.78
CA THR A 61 23.09 15.63 -2.14
C THR A 61 22.99 15.32 -3.61
N ILE A 62 22.12 14.38 -3.97
CA ILE A 62 21.81 14.09 -5.37
C ILE A 62 20.47 14.71 -5.68
N TYR A 63 20.46 15.69 -6.58
CA TYR A 63 19.25 16.42 -6.93
C TYR A 63 18.50 15.73 -8.06
N SER A 64 17.18 15.93 -8.09
CA SER A 64 16.32 15.33 -9.09
C SER A 64 15.15 16.27 -9.37
N ILE A 65 14.52 16.13 -10.53
CA ILE A 65 13.36 16.96 -10.87
C ILE A 65 12.18 16.58 -9.97
N TYR A 66 11.38 17.57 -9.59
CA TYR A 66 10.22 17.31 -8.74
C TYR A 66 9.11 16.64 -9.53
N SER A 67 7.97 16.44 -8.85
CA SER A 67 6.96 15.53 -9.40
C SER A 67 5.66 16.27 -9.69
N PRO A 68 5.00 15.99 -10.80
CA PRO A 68 5.39 14.94 -11.75
C PRO A 68 6.57 15.31 -12.66
N GLY A 69 6.93 16.58 -12.76
CA GLY A 69 8.01 16.93 -13.65
C GLY A 69 7.67 16.50 -15.05
N PRO A 70 8.64 15.95 -15.80
CA PRO A 70 8.35 15.54 -17.18
C PRO A 70 7.22 14.54 -17.29
N GLN A 71 6.99 13.74 -16.25
CA GLN A 71 5.93 12.73 -16.32
C GLN A 71 4.52 13.33 -16.40
N GLY A 72 4.36 14.62 -16.10
CA GLY A 72 3.09 15.29 -16.28
C GLY A 72 2.96 16.05 -17.59
N TRP A 73 4.02 16.10 -18.40
CA TRP A 73 4.02 16.82 -19.67
C TRP A 73 3.55 15.84 -20.74
N THR A 74 2.33 16.04 -21.22
CA THR A 74 1.66 15.03 -22.03
C THR A 74 2.04 15.10 -23.51
N GLU A 75 2.70 16.16 -23.96
CA GLU A 75 3.09 16.29 -25.37
C GLU A 75 4.57 15.93 -25.50
N ARG A 76 4.85 14.92 -26.30
CA ARG A 76 6.18 14.32 -26.33
C ARG A 76 7.27 15.35 -26.63
N ALA A 77 7.10 16.18 -27.68
CA ALA A 77 8.19 17.09 -28.04
C ALA A 77 8.48 18.09 -26.92
N GLU A 78 7.43 18.64 -26.31
CA GLU A 78 7.61 19.59 -25.22
C GLU A 78 8.23 18.90 -24.01
N CYS A 79 7.79 17.68 -23.73
CA CYS A 79 8.32 16.92 -22.60
C CYS A 79 9.82 16.68 -22.77
N GLU A 80 10.24 16.30 -23.99
CA GLU A 80 11.65 16.04 -24.23
C GLU A 80 12.49 17.30 -24.05
N GLU A 81 11.98 18.44 -24.52
CA GLU A 81 12.71 19.69 -24.37
C GLU A 81 12.82 20.09 -22.91
N TYR A 82 11.73 19.91 -22.14
CA TYR A 82 11.75 20.24 -20.73
C TYR A 82 12.77 19.38 -19.98
N ALA A 83 12.77 18.07 -20.24
CA ALA A 83 13.72 17.21 -19.55
C ALA A 83 15.16 17.63 -19.82
N ARG A 84 15.47 17.94 -21.09
CA ARG A 84 16.82 18.40 -21.45
C ARG A 84 17.18 19.67 -20.70
N GLU A 85 16.24 20.61 -20.63
CA GLU A 85 16.48 21.87 -19.94
C GLU A 85 16.73 21.64 -18.46
N CYS A 86 15.97 20.72 -17.84
CA CYS A 86 16.19 20.41 -16.42
C CYS A 86 17.60 19.89 -16.20
N ASN A 87 18.04 18.97 -17.06
CA ASN A 87 19.35 18.36 -16.91
C ASN A 87 20.47 19.39 -17.12
N ASP A 88 20.35 20.21 -18.16
CA ASP A 88 21.37 21.23 -18.38
C ASP A 88 21.39 22.24 -17.24
N TYR A 89 20.21 22.59 -16.71
CA TYR A 89 20.15 23.54 -15.60
C TYR A 89 20.83 22.98 -14.36
N ILE A 90 20.45 21.76 -13.95
CA ILE A 90 21.00 21.26 -12.70
C ILE A 90 22.49 20.96 -12.86
N SER A 91 22.91 20.55 -14.06
CA SER A 91 24.34 20.35 -14.31
C SER A 91 25.10 21.64 -14.04
N GLY A 92 24.57 22.77 -14.50
CA GLY A 92 25.24 24.04 -14.24
C GLY A 92 25.27 24.42 -12.78
N GLU A 93 24.20 24.12 -12.03
CA GLU A 93 24.18 24.49 -10.62
C GLU A 93 25.14 23.63 -9.82
N ILE A 94 25.17 22.32 -10.07
CA ILE A 94 26.02 21.46 -9.26
C ILE A 94 27.51 21.63 -9.60
N ALA A 95 27.84 22.21 -10.76
CA ALA A 95 29.24 22.40 -11.15
C ALA A 95 30.00 23.21 -10.14
N ASN A 96 29.33 24.07 -9.39
CA ASN A 96 29.98 24.92 -8.41
C ASN A 96 30.21 24.24 -7.08
N HIS A 97 29.72 23.02 -6.89
CA HIS A 97 29.80 22.31 -5.61
C HIS A 97 30.04 20.83 -5.85
N LYS A 98 31.06 20.51 -6.66
CA LYS A 98 31.27 19.12 -7.08
C LYS A 98 31.55 18.17 -5.91
N ASP A 99 32.09 18.68 -4.80
CA ASP A 99 32.38 17.82 -3.68
C ASP A 99 31.16 17.42 -2.88
N ARG A 100 30.00 18.01 -3.13
CA ARG A 100 28.84 17.73 -2.28
C ARG A 100 27.52 17.73 -3.03
N MET A 101 27.53 17.74 -4.37
CA MET A 101 26.30 17.68 -5.15
C MET A 101 26.50 16.83 -6.39
N GLY A 102 25.47 16.04 -6.68
CA GLY A 102 25.35 15.33 -7.94
C GLY A 102 23.92 15.43 -8.43
N ALA A 103 23.57 14.72 -9.51
CA ALA A 103 22.20 14.78 -10.02
C ALA A 103 21.80 13.47 -10.67
N PHE A 104 20.48 13.24 -10.68
CA PHE A 104 19.84 12.18 -11.44
C PHE A 104 19.16 12.81 -12.64
N ALA A 105 19.19 12.11 -13.77
CA ALA A 105 18.58 12.60 -14.99
C ALA A 105 17.07 12.71 -14.85
N ALA A 106 16.53 13.83 -15.34
CA ALA A 106 15.11 13.95 -15.66
C ALA A 106 14.91 13.40 -17.07
N LEU A 107 13.83 12.67 -17.28
CA LEU A 107 13.64 12.03 -18.58
C LEU A 107 12.22 12.19 -19.06
N SER A 108 12.06 12.42 -20.36
CA SER A 108 10.79 12.20 -21.03
C SER A 108 10.67 10.70 -21.30
N MET A 109 9.60 10.08 -20.77
CA MET A 109 9.43 8.64 -20.91
C MET A 109 8.30 8.30 -21.88
N HIS A 110 8.13 9.15 -22.91
CA HIS A 110 7.23 8.84 -24.01
C HIS A 110 7.81 7.77 -24.94
N ASP A 111 9.15 7.74 -25.07
CA ASP A 111 9.81 6.84 -26.01
C ASP A 111 11.04 6.20 -25.37
N PRO A 112 11.12 4.86 -25.33
CA PRO A 112 12.27 4.21 -24.68
C PRO A 112 13.61 4.59 -25.27
N LYS A 113 13.76 4.63 -26.59
CA LYS A 113 15.06 4.96 -27.15
C LYS A 113 15.45 6.40 -26.83
N GLN A 114 14.51 7.34 -26.97
CA GLN A 114 14.83 8.73 -26.70
C GLN A 114 15.23 8.92 -25.23
N ALA A 115 14.51 8.27 -24.31
CA ALA A 115 14.89 8.37 -22.91
C ALA A 115 16.27 7.75 -22.68
N SER A 116 16.57 6.65 -23.37
CA SER A 116 17.89 6.01 -23.24
C SER A 116 19.00 6.96 -23.67
N GLU A 117 18.77 7.69 -24.76
CA GLU A 117 19.77 8.62 -25.27
C GLU A 117 19.97 9.78 -24.30
N GLU A 118 18.90 10.28 -23.70
CA GLU A 118 19.07 11.38 -22.76
C GLU A 118 19.76 10.92 -21.49
N LEU A 119 19.44 9.72 -21.02
CA LEU A 119 20.14 9.18 -19.86
C LEU A 119 21.63 9.02 -20.17
N THR A 120 21.94 8.49 -21.35
CA THR A 120 23.34 8.35 -21.75
C THR A 120 24.05 9.69 -21.78
N ARG A 121 23.40 10.74 -22.34
CA ARG A 121 24.01 12.07 -22.35
C ARG A 121 24.27 12.56 -20.93
N CYS A 122 23.28 12.39 -20.05
CA CYS A 122 23.45 12.84 -18.67
C CYS A 122 24.60 12.13 -17.98
N VAL A 123 24.70 10.81 -18.15
CA VAL A 123 25.73 10.04 -17.45
C VAL A 123 27.10 10.30 -18.07
N LYS A 124 27.21 10.12 -19.39
CA LYS A 124 28.51 10.15 -20.06
C LYS A 124 29.03 11.58 -20.25
N GLU A 125 28.15 12.53 -20.54
CA GLU A 125 28.58 13.90 -20.77
C GLU A 125 28.46 14.81 -19.55
N LEU A 126 27.44 14.62 -18.70
CA LEU A 126 27.23 15.48 -17.55
C LEU A 126 27.64 14.84 -16.23
N GLY A 127 28.00 13.56 -16.23
CA GLY A 127 28.40 12.92 -14.99
C GLY A 127 27.28 12.62 -14.01
N PHE A 128 26.05 12.54 -14.49
CA PHE A 128 24.94 12.22 -13.60
C PHE A 128 25.04 10.76 -13.14
N LEU A 129 24.30 10.46 -12.07
CA LEU A 129 24.50 9.24 -11.31
C LEU A 129 23.39 8.21 -11.49
N GLY A 130 22.41 8.50 -12.32
CA GLY A 130 21.27 7.62 -12.50
C GLY A 130 20.13 8.45 -13.05
N ALA A 131 18.94 7.87 -13.03
CA ALA A 131 17.75 8.58 -13.47
C ALA A 131 16.76 8.62 -12.32
N LEU A 132 15.96 9.68 -12.26
CA LEU A 132 14.81 9.69 -11.37
C LEU A 132 13.59 10.07 -12.19
N VAL A 133 12.60 9.16 -12.19
CA VAL A 133 11.41 9.26 -13.02
C VAL A 133 10.21 9.16 -12.09
N ASN A 134 9.23 10.05 -12.28
CA ASN A 134 8.06 10.13 -11.39
C ASN A 134 6.92 9.25 -11.87
N ASP A 135 7.12 7.94 -11.72
CA ASP A 135 6.07 6.95 -12.00
C ASP A 135 5.69 7.02 -13.47
N VAL A 136 4.45 6.66 -13.79
CA VAL A 136 4.06 6.53 -15.19
C VAL A 136 4.16 7.86 -15.93
N GLN A 137 4.51 7.77 -17.21
CA GLN A 137 4.50 8.94 -18.08
C GLN A 137 3.07 9.17 -18.55
N HIS A 138 2.57 10.37 -18.33
CA HIS A 138 1.22 10.70 -18.77
C HIS A 138 1.21 11.27 -20.17
N ALA A 139 0.13 10.99 -20.89
CA ALA A 139 -0.06 11.45 -22.26
C ALA A 139 -1.56 11.53 -22.49
N GLY A 140 -1.97 12.17 -23.58
CA GLY A 140 -3.38 12.20 -23.88
C GLY A 140 -4.09 13.31 -23.14
N PRO A 141 -5.37 13.50 -23.44
CA PRO A 141 -6.13 14.56 -22.75
C PRO A 141 -6.17 14.28 -21.25
N GLU A 142 -5.83 15.30 -20.47
CA GLU A 142 -5.78 15.26 -19.01
C GLU A 142 -4.79 14.23 -18.50
N GLY A 143 -3.89 13.73 -19.36
CA GLY A 143 -2.99 12.70 -18.89
C GLY A 143 -3.65 11.34 -18.69
N GLU A 144 -4.76 11.08 -19.38
CA GLU A 144 -5.47 9.83 -19.13
C GLU A 144 -4.68 8.62 -19.61
N THR A 145 -3.81 8.76 -20.60
CA THR A 145 -2.94 7.65 -21.00
C THR A 145 -1.82 7.48 -19.97
N HIS A 146 -1.69 6.28 -19.43
CA HIS A 146 -0.67 5.93 -18.45
C HIS A 146 0.36 5.03 -19.13
N ILE A 147 1.59 5.51 -19.29
CA ILE A 147 2.67 4.75 -19.92
C ILE A 147 3.50 4.11 -18.80
N PHE A 148 3.41 2.78 -18.70
CA PHE A 148 4.18 1.99 -17.73
C PHE A 148 5.45 1.43 -18.39
N TYR A 149 6.49 1.27 -17.58
CA TYR A 149 7.79 0.86 -18.09
C TYR A 149 8.05 -0.62 -17.94
N ASP A 150 7.01 -1.39 -17.61
CA ASP A 150 7.13 -2.83 -17.47
C ASP A 150 6.67 -3.59 -18.71
N GLN A 151 6.48 -2.91 -19.83
CA GLN A 151 6.09 -3.53 -21.09
C GLN A 151 7.30 -3.77 -21.97
N PRO A 152 7.22 -4.70 -22.92
CA PRO A 152 8.44 -5.21 -23.58
C PRO A 152 9.27 -4.14 -24.29
N GLU A 153 8.65 -3.10 -24.85
CA GLU A 153 9.42 -2.09 -25.56
C GLU A 153 10.40 -1.37 -24.65
N TRP A 154 10.14 -1.38 -23.34
CA TRP A 154 11.01 -0.70 -22.39
C TRP A 154 12.31 -1.43 -22.15
N ASP A 155 12.46 -2.65 -22.69
CA ASP A 155 13.74 -3.35 -22.57
C ASP A 155 14.88 -2.54 -23.17
N ILE A 156 14.60 -1.72 -24.18
CA ILE A 156 15.62 -0.83 -24.76
C ILE A 156 16.22 0.07 -23.68
N PHE A 157 15.34 0.58 -22.82
CA PHE A 157 15.76 1.47 -21.77
C PHE A 157 16.49 0.73 -20.65
N TRP A 158 15.95 -0.42 -20.22
CA TRP A 158 16.63 -1.17 -19.16
C TRP A 158 18.02 -1.60 -19.60
N GLN A 159 18.19 -2.00 -20.86
CA GLN A 159 19.52 -2.34 -21.34
C GLN A 159 20.46 -1.16 -21.21
N THR A 160 19.97 0.06 -21.47
CA THR A 160 20.81 1.25 -21.31
C THR A 160 21.21 1.46 -19.86
N CYS A 161 20.28 1.32 -18.90
CA CYS A 161 20.65 1.43 -17.50
C CYS A 161 21.74 0.45 -17.14
N VAL A 162 21.66 -0.78 -17.63
CA VAL A 162 22.67 -1.78 -17.36
C VAL A 162 23.99 -1.45 -18.05
N ASP A 163 23.94 -0.96 -19.29
CA ASP A 163 25.16 -0.57 -20.01
C ASP A 163 25.92 0.52 -19.26
N LEU A 164 25.19 1.53 -18.78
CA LEU A 164 25.77 2.64 -18.02
C LEU A 164 26.08 2.24 -16.58
N ASP A 165 25.47 1.16 -16.11
CA ASP A 165 25.56 0.70 -14.73
C ASP A 165 25.16 1.79 -13.74
N VAL A 166 23.99 2.38 -13.98
CA VAL A 166 23.47 3.37 -13.03
C VAL A 166 22.05 2.99 -12.60
N PRO A 167 21.63 3.39 -11.42
CA PRO A 167 20.27 3.05 -10.97
C PRO A 167 19.19 3.96 -11.52
N PHE A 168 17.98 3.44 -11.42
CA PHE A 168 16.72 4.09 -11.81
C PHE A 168 15.89 4.26 -10.55
N TYR A 169 15.65 5.50 -10.15
CA TYR A 169 14.85 5.82 -8.96
C TYR A 169 13.42 6.04 -9.42
N LEU A 170 12.51 5.19 -8.97
CA LEU A 170 11.10 5.29 -9.36
C LEU A 170 10.35 6.02 -8.27
N HIS A 171 10.08 7.31 -8.50
CA HIS A 171 9.50 8.22 -7.52
C HIS A 171 7.99 8.36 -7.77
N PRO A 172 7.20 8.71 -6.76
CA PRO A 172 5.74 8.82 -6.97
C PRO A 172 5.33 10.10 -7.69
N GLU A 173 4.05 10.14 -8.05
CA GLU A 173 3.41 11.31 -8.66
C GLU A 173 1.93 11.29 -8.31
N PRO A 174 1.24 12.42 -8.45
CA PRO A 174 -0.19 12.48 -8.08
C PRO A 174 -1.06 11.78 -9.11
N PRO A 175 -2.33 11.55 -8.77
CA PRO A 175 -3.26 10.96 -9.74
C PRO A 175 -3.65 11.98 -10.81
N PHE A 176 -4.03 11.45 -11.99
CA PHE A 176 -4.48 12.23 -13.13
C PHE A 176 -5.85 11.73 -13.62
N GLY A 177 -6.53 12.58 -14.37
CA GLY A 177 -7.65 12.15 -15.19
C GLY A 177 -8.80 11.54 -14.40
N SER A 178 -9.37 10.47 -14.96
CA SER A 178 -10.54 9.82 -14.36
C SER A 178 -10.24 9.22 -12.99
N TYR A 179 -9.03 8.69 -12.80
CA TYR A 179 -8.62 8.15 -11.50
C TYR A 179 -8.63 9.25 -10.44
N LEU A 180 -8.07 10.41 -10.77
CA LEU A 180 -8.14 11.54 -9.84
C LEU A 180 -9.58 11.89 -9.50
N ARG A 181 -10.44 12.03 -10.51
CA ARG A 181 -11.82 12.42 -10.24
C ARG A 181 -12.58 11.34 -9.46
N ASN A 182 -12.53 10.11 -9.95
CA ASN A 182 -13.36 9.06 -9.35
C ASN A 182 -12.89 8.71 -7.95
N GLN A 183 -11.58 8.64 -7.73
CA GLN A 183 -11.12 8.03 -6.51
C GLN A 183 -10.57 9.02 -5.49
N TYR A 184 -10.30 10.27 -5.90
CA TYR A 184 -9.70 11.23 -4.96
C TYR A 184 -10.53 12.50 -4.71
N GLU A 185 -11.55 12.79 -5.52
CA GLU A 185 -12.30 14.04 -5.33
C GLU A 185 -12.91 14.15 -3.93
N GLY A 186 -13.38 13.05 -3.38
CA GLY A 186 -13.98 13.15 -2.06
C GLY A 186 -13.03 12.91 -0.91
N ARG A 187 -11.74 12.73 -1.19
CA ARG A 187 -10.73 12.54 -0.16
C ARG A 187 -9.41 13.16 -0.62
N LYS A 188 -9.45 14.46 -0.95
CA LYS A 188 -8.32 15.09 -1.60
C LYS A 188 -7.07 15.14 -0.72
N TYR A 189 -7.21 15.09 0.60
CA TYR A 189 -6.03 15.11 1.44
C TYR A 189 -5.28 13.80 1.43
N LEU A 190 -5.79 12.78 0.74
CA LEU A 190 -5.05 11.54 0.58
C LEU A 190 -4.18 11.53 -0.67
N ILE A 191 -4.22 12.61 -1.46
CA ILE A 191 -3.29 12.77 -2.57
C ILE A 191 -1.93 13.06 -2.01
N GLY A 192 -0.95 12.25 -2.39
CA GLY A 192 0.42 12.44 -1.94
C GLY A 192 0.85 11.36 -0.96
N PRO A 193 1.68 11.72 0.02
CA PRO A 193 2.22 10.73 0.97
C PRO A 193 1.18 9.88 1.69
N PRO A 194 -0.01 10.38 2.03
CA PRO A 194 -0.90 9.52 2.85
C PRO A 194 -1.22 8.18 2.21
N VAL A 195 -1.41 8.10 0.90
CA VAL A 195 -1.63 6.81 0.26
C VAL A 195 -1.41 6.80 -1.24
N SER A 196 -1.77 7.89 -1.94
CA SER A 196 -1.83 7.76 -3.40
C SER A 196 -0.45 7.52 -4.00
N PHE A 197 0.56 8.17 -3.43
CA PHE A 197 1.93 8.06 -3.95
C PHE A 197 2.42 6.63 -3.95
N ALA A 198 2.39 5.98 -2.78
CA ALA A 198 2.90 4.62 -2.70
C ALA A 198 2.01 3.67 -3.48
N ASN A 199 0.70 3.93 -3.55
CA ASN A 199 -0.18 3.04 -4.33
C ASN A 199 0.31 2.94 -5.77
N GLY A 200 0.72 4.07 -6.35
CA GLY A 200 1.19 4.07 -7.73
C GLY A 200 2.56 3.44 -7.89
N VAL A 201 3.51 3.80 -7.03
CA VAL A 201 4.87 3.28 -7.23
C VAL A 201 4.92 1.77 -7.01
N SER A 202 4.25 1.29 -5.96
CA SER A 202 4.25 -0.15 -5.70
C SER A 202 3.64 -0.92 -6.87
N LEU A 203 2.53 -0.43 -7.42
CA LEU A 203 1.96 -1.07 -8.61
C LEU A 203 2.99 -1.14 -9.74
N HIS A 204 3.72 -0.05 -9.95
CA HIS A 204 4.63 0.03 -11.08
C HIS A 204 5.83 -0.90 -10.89
N VAL A 205 6.47 -0.88 -9.72
CA VAL A 205 7.64 -1.73 -9.54
C VAL A 205 7.26 -3.20 -9.43
N LEU A 206 6.11 -3.51 -8.80
CA LEU A 206 5.64 -4.89 -8.84
C LEU A 206 5.33 -5.30 -10.27
N GLY A 207 4.88 -4.35 -11.10
CA GLY A 207 4.69 -4.61 -12.53
C GLY A 207 5.98 -5.00 -13.21
N MET A 208 7.06 -4.27 -12.93
CA MET A 208 8.36 -4.62 -13.47
C MET A 208 8.76 -6.02 -13.03
N ILE A 209 8.50 -6.36 -11.76
CA ILE A 209 8.85 -7.70 -11.26
C ILE A 209 8.07 -8.79 -11.99
N VAL A 210 6.74 -8.67 -12.03
CA VAL A 210 5.93 -9.77 -12.55
C VAL A 210 6.03 -9.88 -14.07
N ASN A 211 6.39 -8.79 -14.75
CA ASN A 211 6.58 -8.86 -16.19
C ASN A 211 8.00 -9.27 -16.55
N GLY A 212 8.83 -9.61 -15.55
CA GLY A 212 10.11 -10.22 -15.81
C GLY A 212 11.25 -9.28 -16.10
N VAL A 213 11.09 -7.98 -15.85
CA VAL A 213 12.16 -7.04 -16.18
C VAL A 213 13.46 -7.43 -15.49
N PHE A 214 13.39 -7.79 -14.21
CA PHE A 214 14.60 -8.11 -13.47
C PHE A 214 15.15 -9.49 -13.79
N ASP A 215 14.33 -10.34 -14.41
CA ASP A 215 14.84 -11.63 -14.86
C ASP A 215 15.61 -11.48 -16.16
N ARG A 216 15.14 -10.61 -17.05
CA ARG A 216 15.88 -10.36 -18.29
C ARG A 216 17.07 -9.43 -18.07
N PHE A 217 17.03 -8.60 -17.04
CA PHE A 217 18.11 -7.64 -16.74
C PHE A 217 18.49 -7.83 -15.29
N PRO A 218 19.16 -8.93 -14.97
CA PRO A 218 19.47 -9.20 -13.56
C PRO A 218 20.44 -8.21 -12.93
N LYS A 219 21.17 -7.42 -13.72
CA LYS A 219 22.05 -6.38 -13.17
C LYS A 219 21.35 -5.04 -13.01
N LEU A 220 20.07 -4.92 -13.36
CA LEU A 220 19.37 -3.64 -13.26
C LEU A 220 19.24 -3.19 -11.81
N LYS A 221 19.44 -1.91 -11.55
CA LYS A 221 19.37 -1.34 -10.20
C LYS A 221 18.24 -0.35 -10.14
N VAL A 222 17.32 -0.53 -9.18
CA VAL A 222 16.17 0.34 -9.00
C VAL A 222 16.14 0.80 -7.54
N ILE A 223 15.77 2.07 -7.34
CA ILE A 223 15.65 2.64 -6.00
C ILE A 223 14.20 3.03 -5.77
N LEU A 224 13.69 2.73 -4.57
CA LEU A 224 12.37 3.17 -4.13
C LEU A 224 12.53 4.00 -2.86
N GLY A 225 11.82 5.11 -2.80
CA GLY A 225 11.79 5.94 -1.60
C GLY A 225 10.80 5.43 -0.57
N HIS A 226 10.75 6.16 0.54
CA HIS A 226 9.67 6.02 1.52
C HIS A 226 9.64 4.61 2.09
N LEU A 227 10.81 4.02 2.26
CA LEU A 227 10.98 2.66 2.77
C LEU A 227 10.16 1.64 1.98
N GLY A 228 10.11 1.82 0.66
CA GLY A 228 9.59 0.76 -0.20
C GLY A 228 8.12 0.83 -0.55
N GLU A 229 7.44 1.95 -0.28
CA GLU A 229 6.15 2.24 -0.89
C GLU A 229 5.12 1.16 -0.61
N HIS A 230 4.99 0.77 0.65
CA HIS A 230 4.03 -0.20 1.20
C HIS A 230 4.46 -1.64 1.04
N ILE A 231 5.48 -1.93 0.24
CA ILE A 231 5.77 -3.33 -0.09
C ILE A 231 6.33 -4.12 1.09
N PRO A 232 7.25 -3.60 1.91
CA PRO A 232 7.85 -4.46 2.94
C PRO A 232 6.84 -5.06 3.91
N GLY A 233 5.86 -4.30 4.37
CA GLY A 233 4.86 -4.85 5.27
C GLY A 233 4.12 -6.00 4.62
N ASP A 234 4.09 -6.02 3.29
CA ASP A 234 3.41 -7.05 2.52
C ASP A 234 4.37 -8.05 1.88
N PHE A 235 5.64 -8.09 2.29
CA PHE A 235 6.56 -9.05 1.67
C PHE A 235 5.99 -10.47 1.77
N TRP A 236 5.49 -10.85 2.95
CA TRP A 236 4.99 -12.22 3.11
C TRP A 236 3.79 -12.46 2.22
N ARG A 237 2.81 -11.56 2.25
CA ARG A 237 1.54 -11.77 1.55
C ARG A 237 1.75 -11.79 0.04
N ILE A 238 2.59 -10.90 -0.49
CA ILE A 238 2.78 -10.87 -1.94
C ILE A 238 3.46 -12.16 -2.39
N GLU A 239 4.58 -12.53 -1.77
CA GLU A 239 5.25 -13.75 -2.18
C GLU A 239 4.39 -14.98 -1.98
N HIS A 240 3.64 -15.05 -0.87
CA HIS A 240 2.74 -16.17 -0.68
C HIS A 240 1.73 -16.25 -1.81
N TRP A 241 1.16 -15.12 -2.20
CA TRP A 241 0.17 -15.14 -3.27
C TRP A 241 0.80 -15.54 -4.59
N PHE A 242 2.04 -15.10 -4.83
CA PHE A 242 2.73 -15.51 -6.06
C PHE A 242 2.93 -17.02 -6.09
N GLU A 243 3.26 -17.62 -4.95
CA GLU A 243 3.47 -19.07 -4.88
C GLU A 243 2.15 -19.82 -4.99
N HIS A 244 1.13 -19.36 -4.27
CA HIS A 244 -0.13 -20.11 -4.15
C HIS A 244 -1.00 -19.92 -5.38
N CYS A 245 -0.95 -18.74 -6.00
CA CYS A 245 -1.80 -18.42 -7.15
C CYS A 245 -0.99 -18.02 -8.38
N SER A 246 -0.25 -16.90 -8.34
CA SER A 246 0.09 -16.22 -9.59
C SER A 246 1.09 -17.02 -10.43
N ARG A 247 2.17 -17.51 -9.83
CA ARG A 247 3.19 -18.22 -10.62
C ARG A 247 2.62 -19.47 -11.28
N PRO A 248 1.95 -20.38 -10.57
CA PRO A 248 1.39 -21.57 -11.27
C PRO A 248 0.31 -21.21 -12.26
N LEU A 249 -0.48 -20.18 -11.99
CA LEU A 249 -1.50 -19.76 -12.94
C LEU A 249 -0.87 -19.20 -14.21
N ALA A 250 0.11 -18.30 -14.07
CA ALA A 250 0.80 -17.80 -15.26
C ALA A 250 1.48 -18.93 -16.01
N LYS A 251 2.16 -19.83 -15.29
CA LYS A 251 2.84 -20.93 -15.96
C LYS A 251 1.87 -21.77 -16.77
N SER A 252 0.66 -22.00 -16.23
CA SER A 252 -0.33 -22.83 -16.92
C SER A 252 -0.83 -22.20 -18.22
N ARG A 253 -0.70 -20.87 -18.37
CA ARG A 253 -1.12 -20.14 -19.56
C ARG A 253 0.04 -19.81 -20.49
N GLY A 254 1.27 -20.09 -20.09
CA GLY A 254 2.42 -19.63 -20.86
C GLY A 254 2.67 -18.15 -20.75
N ASP A 255 2.16 -17.49 -19.70
CA ASP A 255 2.35 -16.06 -19.49
C ASP A 255 3.66 -15.82 -18.74
N VAL A 256 4.33 -14.71 -19.10
CA VAL A 256 5.52 -14.31 -18.36
C VAL A 256 5.20 -14.06 -16.90
N PHE A 257 6.11 -14.49 -16.02
CA PHE A 257 5.96 -14.22 -14.61
C PHE A 257 7.35 -14.17 -13.98
N ALA A 258 7.44 -13.49 -12.84
CA ALA A 258 8.70 -13.44 -12.10
C ALA A 258 9.21 -14.83 -11.81
N GLU A 259 10.49 -15.04 -12.08
CA GLU A 259 11.08 -16.37 -11.93
C GLU A 259 11.51 -16.66 -10.49
N LYS A 260 11.78 -15.63 -9.71
CA LYS A 260 12.37 -15.79 -8.39
C LYS A 260 11.41 -15.27 -7.33
N PRO A 261 11.64 -15.59 -6.06
CA PRO A 261 10.82 -15.04 -4.98
C PRO A 261 10.95 -13.53 -4.89
N LEU A 262 9.90 -12.90 -4.36
CA LEU A 262 9.87 -11.45 -4.25
C LEU A 262 11.12 -10.92 -3.55
N LEU A 263 11.53 -11.56 -2.46
CA LEU A 263 12.66 -11.03 -1.71
C LEU A 263 13.96 -11.10 -2.50
N HIS A 264 14.07 -12.00 -3.47
CA HIS A 264 15.27 -11.98 -4.32
C HIS A 264 15.45 -10.61 -4.97
N TYR A 265 14.37 -10.05 -5.53
CA TYR A 265 14.50 -8.77 -6.22
C TYR A 265 14.84 -7.65 -5.23
N PHE A 266 14.27 -7.72 -4.01
CA PHE A 266 14.58 -6.72 -2.99
C PHE A 266 15.93 -6.92 -2.33
N ARG A 267 16.61 -8.04 -2.59
CA ARG A 267 17.95 -8.28 -2.09
C ARG A 267 18.99 -8.22 -3.20
N ASN A 268 18.59 -8.01 -4.44
CA ASN A 268 19.52 -8.05 -5.58
C ASN A 268 19.39 -6.84 -6.49
N ASN A 269 18.15 -6.38 -6.75
CA ASN A 269 17.92 -5.34 -7.74
C ASN A 269 17.40 -4.04 -7.17
N ILE A 270 16.83 -4.04 -5.97
CA ILE A 270 16.13 -2.89 -5.43
C ILE A 270 16.78 -2.44 -4.13
N TRP A 271 16.94 -1.12 -4.00
CA TRP A 271 17.40 -0.45 -2.78
C TRP A 271 16.29 0.46 -2.30
N LEU A 272 16.17 0.65 -0.99
CA LEU A 272 15.15 1.53 -0.42
C LEU A 272 15.82 2.76 0.17
N THR A 273 15.12 3.90 0.20
CA THR A 273 15.61 5.04 0.97
C THR A 273 14.66 5.37 2.12
N THR A 274 15.16 6.17 3.06
CA THR A 274 14.35 6.61 4.19
C THR A 274 13.59 7.89 3.92
N SER A 275 13.44 8.30 2.66
CA SER A 275 12.82 9.59 2.38
C SER A 275 11.45 9.68 3.04
N GLY A 276 11.20 10.80 3.73
CA GLY A 276 9.88 11.01 4.32
C GLY A 276 9.42 9.91 5.24
N ASN A 277 10.35 9.18 5.84
CA ASN A 277 9.95 8.01 6.62
C ASN A 277 10.98 7.83 7.75
N PHE A 278 10.97 8.81 8.66
CA PHE A 278 11.99 8.93 9.71
C PHE A 278 11.56 8.09 10.93
N SER A 279 11.36 6.80 10.64
CA SER A 279 10.72 5.86 11.56
C SER A 279 11.72 4.76 11.92
N THR A 280 12.23 4.79 13.14
CA THR A 280 13.19 3.76 13.54
C THR A 280 12.55 2.37 13.50
N GLU A 281 11.27 2.28 13.87
CA GLU A 281 10.58 0.99 13.89
C GLU A 281 10.35 0.44 12.48
N THR A 282 9.96 1.30 11.53
CA THR A 282 9.78 0.82 10.17
C THR A 282 11.13 0.48 9.55
N LEU A 283 12.14 1.31 9.83
CA LEU A 283 13.48 1.04 9.34
C LEU A 283 13.98 -0.32 9.84
N LYS A 284 13.77 -0.62 11.14
CA LYS A 284 14.18 -1.91 11.68
C LYS A 284 13.54 -3.07 10.93
N PHE A 285 12.24 -2.99 10.70
CA PHE A 285 11.53 -4.06 9.99
C PHE A 285 12.09 -4.25 8.60
N CYS A 286 12.36 -3.13 7.91
CA CYS A 286 12.94 -3.27 6.57
C CYS A 286 14.34 -3.86 6.61
N VAL A 287 15.18 -3.41 7.55
CA VAL A 287 16.52 -3.98 7.67
C VAL A 287 16.47 -5.49 7.88
N GLU A 288 15.55 -5.95 8.73
CA GLU A 288 15.42 -7.37 9.03
C GLU A 288 15.09 -8.20 7.79
N HIS A 289 14.49 -7.59 6.77
CA HIS A 289 14.10 -8.29 5.56
C HIS A 289 15.07 -8.13 4.40
N VAL A 290 15.59 -6.93 4.13
CA VAL A 290 16.40 -6.69 2.93
C VAL A 290 17.87 -6.55 3.23
N GLY A 291 18.24 -6.36 4.51
CA GLY A 291 19.62 -6.14 4.91
C GLY A 291 19.91 -4.65 5.05
N ALA A 292 20.73 -4.31 6.06
CA ALA A 292 21.10 -2.91 6.26
C ALA A 292 21.87 -2.34 5.08
N GLU A 293 22.52 -3.17 4.28
CA GLU A 293 23.27 -2.67 3.14
C GLU A 293 22.37 -2.23 1.99
N ARG A 294 21.05 -2.43 2.07
CA ARG A 294 20.16 -2.09 0.97
C ARG A 294 19.26 -0.91 1.27
N ILE A 295 19.52 -0.21 2.36
CA ILE A 295 18.71 0.95 2.74
C ILE A 295 19.62 2.17 2.80
N LEU A 296 19.16 3.28 2.20
CA LEU A 296 19.94 4.51 2.09
C LEU A 296 19.19 5.62 2.82
N PHE A 297 19.90 6.38 3.66
CA PHE A 297 19.31 7.60 4.18
C PHE A 297 18.92 8.54 3.04
N SER A 298 17.81 9.27 3.24
CA SER A 298 17.45 10.42 2.41
C SER A 298 16.39 11.21 3.14
N VAL A 299 16.24 12.48 2.77
CA VAL A 299 15.32 13.38 3.46
C VAL A 299 13.97 13.51 2.75
N ASP A 300 13.97 13.73 1.42
CA ASP A 300 12.81 14.15 0.64
C ASP A 300 12.60 15.67 0.71
N SER A 301 13.68 16.43 0.76
CA SER A 301 13.54 17.87 0.65
C SER A 301 13.07 18.25 -0.75
N PRO A 302 12.29 19.35 -0.90
CA PRO A 302 11.84 20.28 0.14
C PRO A 302 10.46 19.96 0.71
N TYR A 303 9.89 18.82 0.37
CA TYR A 303 8.60 18.46 0.95
C TYR A 303 8.76 18.07 2.42
N GLU A 304 9.92 17.53 2.79
CA GLU A 304 10.34 17.35 4.16
C GLU A 304 11.46 18.34 4.48
N HIS A 305 11.70 18.54 5.77
CA HIS A 305 12.68 19.51 6.26
C HIS A 305 13.99 18.79 6.56
N ILE A 306 15.08 19.28 5.97
CA ILE A 306 16.40 18.72 6.19
C ILE A 306 16.71 18.61 7.67
N ASP A 307 16.40 19.65 8.45
CA ASP A 307 16.68 19.61 9.89
C ASP A 307 15.91 18.51 10.60
N VAL A 308 14.72 18.15 10.09
CA VAL A 308 13.90 17.11 10.71
C VAL A 308 14.44 15.73 10.35
N GLY A 309 14.72 15.48 9.07
CA GLY A 309 15.23 14.18 8.67
C GLY A 309 16.62 13.92 9.23
N CYS A 310 17.52 14.90 9.13
CA CYS A 310 18.84 14.71 9.73
C CYS A 310 18.74 14.67 11.24
N GLY A 311 17.82 15.46 11.82
CA GLY A 311 17.64 15.42 13.26
C GLY A 311 17.27 14.04 13.75
N TRP A 312 16.37 13.36 13.03
CA TRP A 312 16.02 12.00 13.42
C TRP A 312 17.23 11.10 13.40
N TYR A 313 17.98 11.10 12.29
CA TYR A 313 19.07 10.16 12.17
C TYR A 313 20.20 10.48 13.14
N ASP A 314 20.50 11.77 13.31
CA ASP A 314 21.60 12.18 14.17
C ASP A 314 21.25 12.05 15.65
N ASP A 315 20.08 12.57 16.06
CA ASP A 315 19.78 12.70 17.49
C ASP A 315 19.45 11.36 18.12
N ASN A 316 19.02 10.39 17.32
CA ASN A 316 18.65 9.05 17.77
C ASN A 316 19.70 8.02 17.38
N ALA A 317 20.95 8.45 17.18
CA ALA A 317 21.98 7.56 16.67
C ALA A 317 22.09 6.27 17.46
N LYS A 318 22.10 6.36 18.79
CA LYS A 318 22.27 5.15 19.59
C LYS A 318 21.12 4.16 19.38
N ALA A 319 19.88 4.64 19.45
CA ALA A 319 18.74 3.77 19.26
C ALA A 319 18.67 3.20 17.85
N ILE A 320 19.02 4.03 16.85
CA ILE A 320 18.98 3.55 15.48
C ILE A 320 20.06 2.49 15.26
N MET A 321 21.27 2.76 15.75
CA MET A 321 22.33 1.76 15.67
C MET A 321 21.89 0.42 16.25
N GLU A 322 21.23 0.45 17.41
CA GLU A 322 20.76 -0.78 18.01
C GLU A 322 19.72 -1.46 17.13
N ALA A 323 18.84 -0.67 16.53
CA ALA A 323 17.76 -1.21 15.71
C ALA A 323 18.28 -1.82 14.41
N VAL A 324 19.34 -1.26 13.84
CA VAL A 324 19.79 -1.67 12.51
C VAL A 324 20.97 -2.62 12.55
N GLY A 325 21.50 -2.94 13.72
CA GLY A 325 22.52 -3.95 13.83
C GLY A 325 23.94 -3.46 14.04
N GLY A 326 24.12 -2.22 14.49
CA GLY A 326 25.43 -1.79 14.96
C GLY A 326 26.00 -0.63 14.17
N GLU A 327 27.22 -0.26 14.54
CA GLU A 327 27.84 0.95 14.00
C GLU A 327 28.04 0.87 12.50
N LYS A 328 28.56 -0.25 11.99
CA LYS A 328 28.78 -0.35 10.56
C LYS A 328 27.46 -0.21 9.80
N ALA A 329 26.40 -0.90 10.27
CA ALA A 329 25.11 -0.80 9.61
C ALA A 329 24.60 0.65 9.62
N TYR A 330 24.79 1.37 10.73
CA TYR A 330 24.37 2.76 10.83
C TYR A 330 25.12 3.65 9.84
N LYS A 331 26.44 3.47 9.73
CA LYS A 331 27.21 4.27 8.78
C LYS A 331 26.93 3.84 7.35
N ASP A 332 26.64 2.56 7.13
CA ASP A 332 26.24 2.09 5.81
C ASP A 332 24.95 2.79 5.36
N ILE A 333 23.92 2.78 6.21
CA ILE A 333 22.67 3.45 5.85
C ILE A 333 22.87 4.96 5.68
N GLY A 334 23.62 5.58 6.57
CA GLY A 334 23.80 7.03 6.49
C GLY A 334 24.57 7.47 5.27
N ARG A 335 25.53 6.67 4.81
CA ARG A 335 26.51 7.15 3.85
C ARG A 335 27.11 6.07 2.97
N ASP A 336 27.58 4.97 3.55
CA ASP A 336 28.50 4.13 2.78
C ASP A 336 27.77 3.25 1.78
N ASN A 337 26.51 2.90 2.03
CA ASN A 337 25.78 2.16 1.00
C ASN A 337 25.68 2.98 -0.27
N ALA A 338 25.30 4.25 -0.15
CA ALA A 338 25.17 5.12 -1.30
C ALA A 338 26.54 5.44 -1.91
N LYS A 339 27.56 5.66 -1.07
CA LYS A 339 28.90 5.89 -1.61
C LYS A 339 29.30 4.77 -2.55
N LYS A 340 29.04 3.52 -2.15
CA LYS A 340 29.44 2.39 -2.97
C LYS A 340 28.51 2.24 -4.18
N LEU A 341 27.20 2.38 -3.96
CA LEU A 341 26.25 2.18 -5.05
C LEU A 341 26.49 3.16 -6.21
N PHE A 342 26.72 4.42 -5.89
CA PHE A 342 26.96 5.45 -6.91
C PHE A 342 28.43 5.64 -7.22
N LYS A 343 29.31 4.80 -6.68
CA LYS A 343 30.74 4.86 -6.99
C LYS A 343 31.33 6.25 -6.73
N LEU A 344 30.89 6.89 -5.65
CA LEU A 344 31.37 8.22 -5.35
C LEU A 344 32.83 8.12 -4.92
N GLY A 345 33.65 9.01 -5.43
CA GLY A 345 35.00 9.03 -4.92
C GLY A 345 34.98 9.66 -3.54
N LYS A 346 36.07 10.33 -3.22
CA LYS A 346 36.08 11.19 -2.05
C LYS A 346 35.04 12.27 -2.25
N PHE A 347 34.35 12.65 -1.17
CA PHE A 347 33.44 13.78 -1.21
C PHE A 347 33.44 14.43 0.16
N TYR A 348 32.69 15.52 0.29
CA TYR A 348 32.67 16.31 1.51
C TYR A 348 32.33 15.44 2.72
N ASP A 349 33.21 15.43 3.73
CA ASP A 349 33.02 14.67 4.96
C ASP A 349 32.86 13.16 4.74
N SER A 350 33.34 12.61 3.60
CA SER A 350 33.04 11.23 3.24
C SER A 350 33.72 10.19 4.12
N GLU A 351 34.77 10.55 4.83
CA GLU A 351 35.44 9.68 5.78
C GLU A 351 35.11 10.01 7.22
N ALA A 352 34.24 10.99 7.45
CA ALA A 352 33.80 11.36 8.78
C ALA A 352 32.89 10.34 9.44
N GLY B 1 0.79 -24.67 23.80
CA GLY B 1 0.74 -25.06 22.40
C GLY B 1 -0.42 -24.46 21.62
N SER B 2 -0.85 -25.17 20.58
CA SER B 2 -1.93 -24.68 19.74
C SER B 2 -3.28 -24.79 20.46
N MET B 3 -4.29 -24.14 19.87
CA MET B 3 -5.62 -24.09 20.45
C MET B 3 -6.67 -24.48 19.42
N ARG B 4 -7.80 -24.97 19.94
CA ARG B 4 -9.01 -25.15 19.15
C ARG B 4 -10.00 -24.03 19.49
N GLY B 5 -11.12 -24.03 18.78
CA GLY B 5 -12.10 -22.98 18.99
C GLY B 5 -11.74 -21.65 18.36
N LYS B 6 -10.80 -21.63 17.43
CA LYS B 6 -10.43 -20.36 16.79
C LYS B 6 -11.62 -19.79 16.03
N VAL B 7 -11.69 -18.46 15.99
CA VAL B 7 -12.74 -17.78 15.21
C VAL B 7 -12.13 -17.32 13.90
N SER B 8 -12.84 -17.57 12.79
CA SER B 8 -12.34 -17.20 11.47
C SER B 8 -13.44 -16.47 10.74
N LEU B 9 -13.15 -15.24 10.25
CA LEU B 9 -14.26 -14.36 9.88
C LEU B 9 -14.05 -13.56 8.59
N GLU B 10 -13.25 -14.08 7.65
CA GLU B 10 -13.19 -13.50 6.30
C GLU B 10 -13.40 -14.62 5.27
N GLU B 11 -14.50 -15.34 5.45
CA GLU B 11 -14.71 -16.64 4.81
C GLU B 11 -15.89 -16.53 3.85
N ALA B 12 -15.62 -16.59 2.55
CA ALA B 12 -16.55 -16.12 1.54
C ALA B 12 -17.35 -17.25 0.89
N PHE B 13 -18.52 -16.88 0.38
CA PHE B 13 -19.39 -17.80 -0.36
C PHE B 13 -19.99 -17.05 -1.55
N GLU B 14 -20.64 -17.80 -2.46
CA GLU B 14 -21.47 -17.23 -3.52
C GLU B 14 -22.74 -18.06 -3.60
N LEU B 15 -23.81 -17.47 -4.12
CA LEU B 15 -25.03 -18.24 -4.35
C LEU B 15 -24.76 -19.40 -5.31
N PRO B 16 -25.18 -20.62 -4.97
CA PRO B 16 -24.93 -21.76 -5.87
C PRO B 16 -25.45 -21.59 -7.29
N LYS B 17 -26.56 -20.87 -7.47
CA LYS B 17 -27.08 -20.69 -8.83
C LYS B 17 -26.14 -19.87 -9.69
N PHE B 18 -25.23 -19.13 -9.08
CA PHE B 18 -24.24 -18.33 -9.81
C PHE B 18 -22.87 -19.01 -9.90
N ALA B 19 -22.84 -20.35 -9.92
CA ALA B 19 -21.59 -21.07 -10.04
C ALA B 19 -20.76 -20.58 -11.23
N ALA B 20 -21.41 -20.22 -12.34
CA ALA B 20 -20.66 -19.79 -13.52
C ALA B 20 -19.86 -18.53 -13.24
N GLN B 21 -20.38 -17.63 -12.40
CA GLN B 21 -19.62 -16.44 -12.04
C GLN B 21 -18.39 -16.79 -11.21
N THR B 22 -18.43 -17.89 -10.47
CA THR B 22 -17.24 -18.22 -9.70
C THR B 22 -16.09 -18.71 -10.57
N LYS B 23 -16.37 -19.25 -11.77
CA LYS B 23 -15.22 -19.63 -12.61
C LYS B 23 -14.51 -18.37 -13.08
N GLU B 24 -15.25 -17.27 -13.22
CA GLU B 24 -14.60 -16.02 -13.60
C GLU B 24 -13.66 -15.51 -12.50
N LYS B 25 -14.06 -15.64 -11.23
CA LYS B 25 -13.15 -15.31 -10.13
C LYS B 25 -11.99 -16.28 -10.10
N ALA B 26 -12.24 -17.55 -10.41
CA ALA B 26 -11.16 -18.52 -10.43
C ALA B 26 -10.07 -18.11 -11.41
N GLU B 27 -10.43 -17.54 -12.56
CA GLU B 27 -9.43 -17.08 -13.53
C GLU B 27 -8.62 -15.90 -13.02
N LEU B 28 -9.11 -15.16 -12.02
CA LEU B 28 -8.34 -14.08 -11.41
C LEU B 28 -7.51 -14.56 -10.24
N TYR B 29 -7.95 -15.59 -9.49
CA TYR B 29 -7.42 -15.82 -8.15
C TYR B 29 -7.04 -17.25 -7.81
N ILE B 30 -7.28 -18.24 -8.68
CA ILE B 30 -7.12 -19.63 -8.29
C ILE B 30 -6.24 -20.38 -9.28
N ALA B 31 -5.14 -20.97 -8.79
CA ALA B 31 -4.29 -21.79 -9.63
C ALA B 31 -5.03 -23.04 -10.08
N PRO B 32 -4.68 -23.60 -11.25
CA PRO B 32 -5.40 -24.78 -11.77
C PRO B 32 -5.55 -25.92 -10.79
N ASN B 33 -4.49 -26.25 -10.05
CA ASN B 33 -4.56 -27.39 -9.15
C ASN B 33 -5.51 -27.15 -7.98
N ASN B 34 -5.90 -25.90 -7.75
CA ASN B 34 -6.78 -25.57 -6.64
C ASN B 34 -8.21 -25.31 -7.07
N ARG B 35 -8.52 -25.46 -8.37
CA ARG B 35 -9.86 -25.15 -8.86
C ARG B 35 -10.93 -26.06 -8.28
N ASP B 36 -10.70 -27.38 -8.29
CA ASP B 36 -11.74 -28.28 -7.79
C ASP B 36 -12.12 -27.92 -6.36
N ARG B 37 -11.11 -27.70 -5.52
CA ARG B 37 -11.41 -27.36 -4.13
C ARG B 37 -12.09 -26.01 -4.02
N TYR B 38 -11.64 -25.02 -4.79
CA TYR B 38 -12.29 -23.70 -4.73
C TYR B 38 -13.77 -23.80 -5.07
N PHE B 39 -14.10 -24.51 -6.15
CA PHE B 39 -15.50 -24.53 -6.57
C PHE B 39 -16.36 -25.23 -5.52
N GLU B 40 -15.86 -26.32 -4.94
CA GLU B 40 -16.61 -26.97 -3.89
C GLU B 40 -16.80 -26.04 -2.69
N GLU B 41 -15.74 -25.32 -2.29
CA GLU B 41 -15.83 -24.54 -1.07
C GLU B 41 -16.72 -23.32 -1.23
N ILE B 42 -16.54 -22.58 -2.33
CA ILE B 42 -17.25 -21.31 -2.51
C ILE B 42 -18.76 -21.55 -2.58
N LEU B 43 -19.18 -22.75 -3.01
CA LEU B 43 -20.59 -23.02 -3.22
C LEU B 43 -21.21 -23.88 -2.14
N ASN B 44 -20.46 -24.27 -1.11
CA ASN B 44 -20.96 -25.20 -0.08
C ASN B 44 -20.44 -24.79 1.29
N PRO B 45 -21.10 -23.82 1.95
CA PRO B 45 -20.71 -23.43 3.31
C PRO B 45 -20.67 -24.57 4.31
N CYS B 46 -21.47 -25.62 4.12
CA CYS B 46 -21.52 -26.75 5.03
C CYS B 46 -20.79 -27.97 4.49
N GLY B 47 -19.99 -27.78 3.44
CA GLY B 47 -19.31 -28.88 2.78
C GLY B 47 -17.95 -29.21 3.36
N ASN B 48 -16.99 -29.54 2.47
CA ASN B 48 -15.70 -29.97 2.99
C ASN B 48 -14.99 -28.86 3.77
N ARG B 49 -15.29 -27.59 3.50
CA ARG B 49 -14.62 -26.54 4.26
C ARG B 49 -15.02 -26.60 5.73
N LEU B 50 -16.23 -27.08 6.02
CA LEU B 50 -16.65 -27.26 7.41
C LEU B 50 -15.89 -28.41 8.05
N GLU B 51 -15.73 -29.52 7.33
CA GLU B 51 -14.94 -30.64 7.85
C GLU B 51 -13.49 -30.23 8.10
N LEU B 52 -12.89 -29.45 7.20
CA LEU B 52 -11.54 -28.97 7.45
C LEU B 52 -11.51 -28.03 8.66
N SER B 53 -12.51 -27.17 8.80
CA SER B 53 -12.56 -26.28 9.95
C SER B 53 -12.60 -27.07 11.24
N ASN B 54 -13.42 -28.13 11.26
CA ASN B 54 -13.48 -28.99 12.44
C ASN B 54 -12.15 -29.67 12.71
N LYS B 55 -11.51 -30.18 11.66
CA LYS B 55 -10.25 -30.89 11.88
C LYS B 55 -9.18 -29.93 12.41
N HIS B 56 -9.14 -28.71 11.87
CA HIS B 56 -8.06 -27.77 12.10
C HIS B 56 -8.32 -26.81 13.25
N GLY B 57 -9.34 -27.06 14.05
CA GLY B 57 -9.51 -26.34 15.30
C GLY B 57 -10.13 -24.96 15.16
N ILE B 58 -11.00 -24.78 14.19
CA ILE B 58 -11.85 -23.58 14.12
C ILE B 58 -13.14 -23.89 14.88
N GLY B 59 -13.52 -22.97 15.77
CA GLY B 59 -14.73 -23.10 16.54
C GLY B 59 -15.91 -22.33 16.01
N TYR B 60 -15.65 -21.26 15.24
CA TYR B 60 -16.74 -20.42 14.77
C TYR B 60 -16.30 -19.74 13.48
N THR B 61 -17.06 -19.95 12.42
CA THR B 61 -16.79 -19.35 11.11
C THR B 61 -17.88 -18.33 10.84
N ILE B 62 -17.50 -17.10 10.52
CA ILE B 62 -18.46 -16.08 10.10
C ILE B 62 -18.34 -15.95 8.59
N TYR B 63 -19.42 -16.29 7.88
CA TYR B 63 -19.46 -16.28 6.43
C TYR B 63 -19.89 -14.91 5.89
N SER B 64 -19.43 -14.61 4.68
CA SER B 64 -19.71 -13.32 4.03
C SER B 64 -19.74 -13.56 2.52
N ILE B 65 -20.41 -12.66 1.80
CA ILE B 65 -20.46 -12.74 0.34
C ILE B 65 -19.08 -12.46 -0.25
N TYR B 66 -18.74 -13.16 -1.34
CA TYR B 66 -17.45 -12.97 -1.98
C TYR B 66 -17.44 -11.66 -2.77
N SER B 67 -16.31 -11.41 -3.44
CA SER B 67 -16.07 -10.08 -3.97
C SER B 67 -15.99 -10.06 -5.50
N PRO B 68 -16.55 -9.06 -6.15
CA PRO B 68 -17.19 -7.89 -5.53
C PRO B 68 -18.57 -8.16 -4.94
N GLY B 69 -19.22 -9.26 -5.29
CA GLY B 69 -20.54 -9.48 -4.74
C GLY B 69 -21.44 -8.33 -5.15
N PRO B 70 -22.29 -7.85 -4.24
CA PRO B 70 -23.20 -6.76 -4.60
C PRO B 70 -22.50 -5.50 -5.07
N GLN B 71 -21.26 -5.28 -4.63
CA GLN B 71 -20.55 -4.05 -5.01
C GLN B 71 -20.25 -4.00 -6.51
N GLY B 72 -20.32 -5.15 -7.20
CA GLY B 72 -20.18 -5.17 -8.64
C GLY B 72 -21.48 -5.10 -9.42
N TRP B 73 -22.61 -5.08 -8.75
CA TRP B 73 -23.92 -5.02 -9.40
C TRP B 73 -24.33 -3.55 -9.53
N THR B 74 -24.29 -3.03 -10.76
CA THR B 74 -24.41 -1.59 -11.00
C THR B 74 -25.85 -1.09 -11.09
N GLU B 75 -26.84 -1.98 -11.20
CA GLU B 75 -28.23 -1.57 -11.26
C GLU B 75 -28.83 -1.74 -9.87
N ARG B 76 -29.35 -0.65 -9.30
CA ARG B 76 -29.72 -0.61 -7.89
C ARG B 76 -30.73 -1.69 -7.53
N ALA B 77 -31.83 -1.79 -8.28
CA ALA B 77 -32.87 -2.75 -7.90
C ALA B 77 -32.37 -4.18 -7.95
N GLU B 78 -31.59 -4.52 -8.99
CA GLU B 78 -31.02 -5.86 -9.09
C GLU B 78 -30.04 -6.10 -7.96
N CYS B 79 -29.23 -5.10 -7.64
CA CYS B 79 -28.25 -5.21 -6.56
C CYS B 79 -28.93 -5.46 -5.22
N GLU B 80 -30.02 -4.73 -4.96
CA GLU B 80 -30.74 -4.89 -3.70
C GLU B 80 -31.35 -6.28 -3.58
N GLU B 81 -31.91 -6.79 -4.68
CA GLU B 81 -32.48 -8.13 -4.66
C GLU B 81 -31.40 -9.19 -4.44
N TYR B 82 -30.24 -9.03 -5.08
CA TYR B 82 -29.16 -9.98 -4.92
C TYR B 82 -28.68 -10.01 -3.47
N ALA B 83 -28.48 -8.84 -2.87
CA ALA B 83 -28.02 -8.82 -1.47
C ALA B 83 -29.00 -9.55 -0.56
N ARG B 84 -30.30 -9.28 -0.73
CA ARG B 84 -31.30 -9.98 0.06
C ARG B 84 -31.23 -11.48 -0.16
N GLU B 85 -31.08 -11.91 -1.41
CA GLU B 85 -30.96 -13.33 -1.71
C GLU B 85 -29.73 -13.95 -1.05
N CYS B 86 -28.61 -13.23 -1.03
CA CYS B 86 -27.42 -13.74 -0.35
C CYS B 86 -27.67 -13.92 1.15
N ASN B 87 -28.32 -12.94 1.77
CA ASN B 87 -28.57 -13.02 3.20
C ASN B 87 -29.53 -14.15 3.53
N ASP B 88 -30.60 -14.28 2.75
CA ASP B 88 -31.54 -15.37 3.00
C ASP B 88 -30.88 -16.72 2.78
N TYR B 89 -30.00 -16.82 1.78
CA TYR B 89 -29.33 -18.08 1.53
C TYR B 89 -28.40 -18.47 2.68
N ILE B 90 -27.52 -17.56 3.10
CA ILE B 90 -26.55 -17.96 4.12
C ILE B 90 -27.24 -18.19 5.46
N SER B 91 -28.32 -17.43 5.73
CA SER B 91 -29.10 -17.67 6.94
C SER B 91 -29.61 -19.10 6.99
N GLY B 92 -30.10 -19.61 5.84
CA GLY B 92 -30.57 -20.98 5.80
C GLY B 92 -29.45 -22.00 6.00
N GLU B 93 -28.26 -21.70 5.47
CA GLU B 93 -27.16 -22.65 5.57
C GLU B 93 -26.65 -22.75 7.01
N ILE B 94 -26.45 -21.60 7.66
CA ILE B 94 -25.88 -21.60 9.00
C ILE B 94 -26.87 -22.11 10.04
N ALA B 95 -28.16 -22.16 9.70
CA ALA B 95 -29.19 -22.58 10.65
C ALA B 95 -28.93 -23.96 11.24
N ASN B 96 -28.28 -24.84 10.49
CA ASN B 96 -28.03 -26.21 10.93
C ASN B 96 -26.77 -26.36 11.77
N HIS B 97 -25.99 -25.29 11.95
CA HIS B 97 -24.71 -25.37 12.65
C HIS B 97 -24.52 -24.14 13.53
N LYS B 98 -25.50 -23.86 14.39
CA LYS B 98 -25.48 -22.65 15.20
C LYS B 98 -24.30 -22.57 16.15
N ASP B 99 -23.75 -23.71 16.58
CA ASP B 99 -22.61 -23.67 17.50
C ASP B 99 -21.30 -23.31 16.82
N ARG B 100 -21.26 -23.20 15.50
CA ARG B 100 -19.98 -22.97 14.85
C ARG B 100 -20.06 -22.12 13.57
N MET B 101 -21.19 -21.48 13.28
CA MET B 101 -21.32 -20.64 12.09
C MET B 101 -22.17 -19.43 12.39
N GLY B 102 -21.74 -18.29 11.87
CA GLY B 102 -22.53 -17.05 11.85
C GLY B 102 -22.35 -16.39 10.50
N ALA B 103 -22.87 -15.18 10.32
CA ALA B 103 -22.74 -14.52 9.02
C ALA B 103 -22.70 -13.00 9.20
N PHE B 104 -22.09 -12.36 8.20
CA PHE B 104 -22.13 -10.92 8.03
C PHE B 104 -23.06 -10.58 6.86
N ALA B 105 -23.82 -9.50 7.00
CA ALA B 105 -24.74 -9.08 5.94
C ALA B 105 -24.00 -8.70 4.66
N ALA B 106 -24.54 -9.17 3.54
CA ALA B 106 -24.27 -8.60 2.23
C ALA B 106 -25.20 -7.42 2.02
N LEU B 107 -24.68 -6.35 1.44
CA LEU B 107 -25.49 -5.14 1.30
C LEU B 107 -25.35 -4.54 -0.09
N SER B 108 -26.47 -4.02 -0.61
CA SER B 108 -26.42 -3.07 -1.71
C SER B 108 -26.11 -1.70 -1.11
N MET B 109 -25.03 -1.07 -1.58
CA MET B 109 -24.61 0.20 -1.04
C MET B 109 -24.89 1.33 -2.03
N HIS B 110 -25.95 1.20 -2.81
CA HIS B 110 -26.38 2.28 -3.69
C HIS B 110 -27.05 3.40 -2.90
N ASP B 111 -27.78 3.04 -1.84
CA ASP B 111 -28.59 4.02 -1.10
C ASP B 111 -28.41 3.79 0.40
N PRO B 112 -27.98 4.82 1.14
CA PRO B 112 -27.74 4.65 2.59
C PRO B 112 -28.95 4.18 3.38
N LYS B 113 -30.14 4.71 3.12
CA LYS B 113 -31.32 4.27 3.87
C LYS B 113 -31.63 2.81 3.62
N GLN B 114 -31.59 2.39 2.36
CA GLN B 114 -31.89 1.00 2.03
C GLN B 114 -30.87 0.05 2.63
N ALA B 115 -29.58 0.42 2.57
CA ALA B 115 -28.55 -0.43 3.17
C ALA B 115 -28.73 -0.52 4.67
N SER B 116 -29.12 0.58 5.31
CA SER B 116 -29.38 0.56 6.76
C SER B 116 -30.51 -0.39 7.09
N GLU B 117 -31.56 -0.39 6.26
CA GLU B 117 -32.71 -1.27 6.49
C GLU B 117 -32.35 -2.74 6.32
N GLU B 118 -31.54 -3.08 5.29
CA GLU B 118 -31.16 -4.48 5.13
C GLU B 118 -30.20 -4.93 6.23
N LEU B 119 -29.28 -4.06 6.68
CA LEU B 119 -28.42 -4.44 7.78
C LEU B 119 -29.27 -4.71 9.04
N THR B 120 -30.24 -3.85 9.31
CA THR B 120 -31.14 -4.04 10.44
C THR B 120 -31.89 -5.36 10.34
N ARG B 121 -32.41 -5.68 9.15
CA ARG B 121 -33.08 -6.97 8.98
C ARG B 121 -32.14 -8.13 9.27
N CYS B 122 -30.92 -8.06 8.75
CA CYS B 122 -29.97 -9.14 8.97
C CYS B 122 -29.66 -9.32 10.46
N VAL B 123 -29.42 -8.21 11.17
CA VAL B 123 -29.03 -8.30 12.57
C VAL B 123 -30.22 -8.68 13.45
N LYS B 124 -31.33 -7.93 13.35
CA LYS B 124 -32.46 -8.11 14.25
C LYS B 124 -33.28 -9.35 13.92
N GLU B 125 -33.47 -9.66 12.63
CA GLU B 125 -34.29 -10.81 12.27
C GLU B 125 -33.50 -12.08 11.99
N LEU B 126 -32.28 -11.96 11.44
CA LEU B 126 -31.51 -13.14 11.09
C LEU B 126 -30.35 -13.40 12.05
N GLY B 127 -30.09 -12.51 13.00
CA GLY B 127 -29.01 -12.72 13.96
C GLY B 127 -27.61 -12.57 13.42
N PHE B 128 -27.45 -11.86 12.30
CA PHE B 128 -26.12 -11.67 11.75
C PHE B 128 -25.31 -10.74 12.66
N LEU B 129 -23.99 -10.78 12.47
CA LEU B 129 -23.04 -10.22 13.43
C LEU B 129 -22.39 -8.93 12.97
N GLY B 130 -22.76 -8.42 11.81
CA GLY B 130 -22.14 -7.24 11.24
C GLY B 130 -22.41 -7.24 9.76
N ALA B 131 -21.70 -6.38 9.05
CA ALA B 131 -21.78 -6.30 7.60
C ALA B 131 -20.39 -6.54 7.03
N LEU B 132 -20.34 -7.11 5.83
CA LEU B 132 -19.10 -7.15 5.06
C LEU B 132 -19.40 -6.64 3.66
N VAL B 133 -18.71 -5.57 3.28
CA VAL B 133 -18.93 -4.83 2.05
C VAL B 133 -17.62 -4.79 1.30
N ASN B 134 -17.68 -5.07 0.00
CA ASN B 134 -16.48 -5.15 -0.84
C ASN B 134 -16.12 -3.80 -1.45
N ASP B 135 -15.65 -2.90 -0.59
CA ASP B 135 -15.08 -1.62 -1.05
C ASP B 135 -16.17 -0.81 -1.77
N VAL B 136 -15.77 0.02 -2.74
CA VAL B 136 -16.71 0.95 -3.36
C VAL B 136 -17.82 0.23 -4.10
N GLN B 137 -19.02 0.80 -4.02
CA GLN B 137 -20.15 0.30 -4.78
C GLN B 137 -20.09 0.90 -6.18
N HIS B 138 -20.10 0.04 -7.19
CA HIS B 138 -20.10 0.52 -8.56
C HIS B 138 -21.53 0.73 -9.04
N ALA B 139 -21.73 1.75 -9.87
CA ALA B 139 -23.08 2.15 -10.24
C ALA B 139 -23.07 2.88 -11.57
N GLY B 140 -24.28 3.21 -12.05
CA GLY B 140 -24.51 3.95 -13.27
C GLY B 140 -24.74 3.04 -14.45
N PRO B 141 -25.26 3.60 -15.55
CA PRO B 141 -25.64 2.78 -16.71
C PRO B 141 -24.48 2.05 -17.35
N GLU B 142 -23.25 2.53 -17.13
CA GLU B 142 -22.05 1.89 -17.63
C GLU B 142 -21.07 1.55 -16.51
N GLY B 143 -21.52 1.62 -15.25
CA GLY B 143 -20.71 1.26 -14.09
C GLY B 143 -19.56 2.17 -13.71
N GLU B 144 -19.47 3.41 -14.24
CA GLU B 144 -18.32 4.23 -13.84
C GLU B 144 -18.50 4.96 -12.51
N THR B 145 -19.74 5.15 -12.02
CA THR B 145 -19.93 5.82 -10.73
C THR B 145 -19.34 4.96 -9.61
N HIS B 146 -18.45 5.57 -8.82
CA HIS B 146 -17.77 4.92 -7.69
C HIS B 146 -18.32 5.52 -6.41
N ILE B 147 -19.08 4.73 -5.63
CA ILE B 147 -19.71 5.23 -4.41
C ILE B 147 -18.83 4.87 -3.22
N PHE B 148 -18.26 5.88 -2.58
CA PHE B 148 -17.49 5.75 -1.34
C PHE B 148 -18.37 6.06 -0.13
N TYR B 149 -18.05 5.44 1.00
CA TYR B 149 -18.93 5.54 2.17
C TYR B 149 -18.41 6.55 3.16
N ASP B 150 -17.43 7.36 2.77
CA ASP B 150 -16.86 8.39 3.63
C ASP B 150 -17.45 9.77 3.38
N GLN B 151 -18.56 9.83 2.68
CA GLN B 151 -19.25 11.07 2.39
C GLN B 151 -20.43 11.21 3.35
N PRO B 152 -20.89 12.44 3.59
CA PRO B 152 -21.82 12.67 4.73
C PRO B 152 -23.14 11.94 4.63
N GLU B 153 -23.62 11.63 3.43
CA GLU B 153 -24.91 10.95 3.35
C GLU B 153 -24.87 9.59 4.01
N TRP B 154 -23.68 9.01 4.16
CA TRP B 154 -23.55 7.70 4.80
C TRP B 154 -23.66 7.75 6.31
N ASP B 155 -23.78 8.93 6.91
CA ASP B 155 -23.91 8.99 8.36
C ASP B 155 -25.13 8.24 8.88
N ILE B 156 -26.24 8.20 8.13
CA ILE B 156 -27.39 7.41 8.58
C ILE B 156 -27.03 5.93 8.69
N PHE B 157 -26.17 5.44 7.80
CA PHE B 157 -25.71 4.05 7.86
C PHE B 157 -24.76 3.83 9.04
N TRP B 158 -23.80 4.72 9.25
CA TRP B 158 -22.93 4.55 10.40
C TRP B 158 -23.72 4.60 11.70
N GLN B 159 -24.74 5.47 11.77
CA GLN B 159 -25.58 5.52 12.97
C GLN B 159 -26.27 4.19 13.19
N THR B 160 -26.70 3.53 12.11
CA THR B 160 -27.31 2.22 12.22
C THR B 160 -26.32 1.19 12.76
N CYS B 161 -25.08 1.19 12.25
CA CYS B 161 -24.07 0.27 12.78
C CYS B 161 -23.88 0.47 14.27
N VAL B 162 -23.84 1.72 14.72
CA VAL B 162 -23.65 2.00 16.13
C VAL B 162 -24.88 1.63 16.93
N ASP B 163 -26.09 1.91 16.41
CA ASP B 163 -27.31 1.55 17.12
C ASP B 163 -27.43 0.03 17.30
N LEU B 164 -27.11 -0.74 16.26
CA LEU B 164 -27.12 -2.20 16.34
C LEU B 164 -25.91 -2.73 17.09
N ASP B 165 -24.89 -1.88 17.25
CA ASP B 165 -23.60 -2.24 17.86
C ASP B 165 -22.96 -3.44 17.18
N VAL B 166 -22.81 -3.35 15.86
CA VAL B 166 -22.14 -4.42 15.10
C VAL B 166 -21.05 -3.80 14.23
N PRO B 167 -19.98 -4.53 13.92
CA PRO B 167 -18.90 -3.99 13.09
C PRO B 167 -19.20 -4.06 11.60
N PHE B 168 -18.42 -3.26 10.86
CA PHE B 168 -18.44 -3.15 9.41
C PHE B 168 -17.08 -3.62 8.91
N TYR B 169 -17.07 -4.74 8.18
CA TYR B 169 -15.84 -5.29 7.61
C TYR B 169 -15.68 -4.75 6.20
N LEU B 170 -14.63 -3.97 5.97
CA LEU B 170 -14.38 -3.35 4.66
C LEU B 170 -13.41 -4.21 3.88
N HIS B 171 -13.92 -4.99 2.95
CA HIS B 171 -13.17 -6.00 2.22
C HIS B 171 -12.78 -5.45 0.84
N PRO B 172 -11.71 -5.97 0.22
CA PRO B 172 -11.30 -5.45 -1.10
C PRO B 172 -12.17 -5.96 -2.24
N GLU B 173 -11.90 -5.41 -3.43
CA GLU B 173 -12.56 -5.83 -4.66
C GLU B 173 -11.63 -5.49 -5.81
N PRO B 174 -11.80 -6.11 -6.97
CA PRO B 174 -10.87 -5.89 -8.09
C PRO B 174 -11.13 -4.54 -8.74
N PRO B 175 -10.21 -4.08 -9.57
CA PRO B 175 -10.46 -2.82 -10.31
C PRO B 175 -11.52 -3.02 -11.39
N PHE B 176 -12.20 -1.91 -11.69
CA PHE B 176 -13.24 -1.84 -12.70
C PHE B 176 -12.94 -0.74 -13.73
N GLY B 177 -13.52 -0.90 -14.91
CA GLY B 177 -13.62 0.23 -15.83
C GLY B 177 -12.29 0.80 -16.28
N SER B 178 -12.22 2.14 -16.33
CA SER B 178 -11.01 2.80 -16.82
C SER B 178 -9.81 2.52 -15.92
N TYR B 179 -10.02 2.39 -14.62
CA TYR B 179 -8.92 2.08 -13.71
C TYR B 179 -8.33 0.71 -14.05
N LEU B 180 -9.20 -0.29 -14.26
CA LEU B 180 -8.73 -1.59 -14.69
C LEU B 180 -7.97 -1.49 -16.00
N ARG B 181 -8.54 -0.80 -17.00
CA ARG B 181 -7.90 -0.71 -18.31
C ARG B 181 -6.58 0.07 -18.25
N ASN B 182 -6.58 1.25 -17.63
CA ASN B 182 -5.38 2.09 -17.67
C ASN B 182 -4.26 1.52 -16.83
N GLN B 183 -4.57 0.96 -15.66
CA GLN B 183 -3.53 0.68 -14.67
C GLN B 183 -3.23 -0.79 -14.43
N TYR B 184 -4.10 -1.71 -14.90
CA TYR B 184 -3.91 -3.14 -14.66
C TYR B 184 -3.80 -4.00 -15.90
N GLU B 185 -4.14 -3.50 -17.07
CA GLU B 185 -4.17 -4.38 -18.25
C GLU B 185 -2.81 -4.99 -18.55
N GLY B 186 -1.75 -4.24 -18.35
CA GLY B 186 -0.42 -4.74 -18.61
C GLY B 186 0.25 -5.44 -17.45
N ARG B 187 -0.45 -5.60 -16.32
CA ARG B 187 0.08 -6.28 -15.14
C ARG B 187 -1.08 -6.99 -14.43
N LYS B 188 -1.79 -7.85 -15.18
CA LYS B 188 -3.02 -8.42 -14.67
C LYS B 188 -2.79 -9.30 -13.46
N TYR B 189 -1.59 -9.85 -13.28
CA TYR B 189 -1.37 -10.68 -12.10
C TYR B 189 -1.26 -9.86 -10.83
N LEU B 190 -1.33 -8.53 -10.92
CA LEU B 190 -1.35 -7.71 -9.73
C LEU B 190 -2.77 -7.38 -9.26
N ILE B 191 -3.78 -7.86 -10.00
CA ILE B 191 -5.16 -7.77 -9.54
C ILE B 191 -5.34 -8.76 -8.40
N GLY B 192 -5.78 -8.26 -7.27
CA GLY B 192 -6.04 -9.11 -6.12
C GLY B 192 -5.03 -8.84 -5.02
N PRO B 193 -4.67 -9.87 -4.28
CA PRO B 193 -3.78 -9.72 -3.12
C PRO B 193 -2.46 -9.03 -3.42
N PRO B 194 -1.83 -9.19 -4.60
CA PRO B 194 -0.48 -8.61 -4.73
C PRO B 194 -0.42 -7.11 -4.48
N VAL B 195 -1.43 -6.35 -4.92
CA VAL B 195 -1.42 -4.92 -4.61
C VAL B 195 -2.77 -4.26 -4.75
N SER B 196 -3.59 -4.67 -5.74
CA SER B 196 -4.74 -3.82 -6.05
C SER B 196 -5.73 -3.81 -4.90
N PHE B 197 -5.92 -4.96 -4.25
CA PHE B 197 -6.91 -5.06 -3.19
C PHE B 197 -6.62 -4.07 -2.07
N ALA B 198 -5.41 -4.13 -1.52
CA ALA B 198 -5.09 -3.24 -0.39
C ALA B 198 -5.02 -1.79 -0.83
N ASN B 199 -4.63 -1.52 -2.08
CA ASN B 199 -4.63 -0.13 -2.55
C ASN B 199 -6.02 0.47 -2.40
N GLY B 200 -7.06 -0.29 -2.76
CA GLY B 200 -8.41 0.24 -2.67
C GLY B 200 -8.92 0.34 -1.24
N VAL B 201 -8.71 -0.69 -0.44
CA VAL B 201 -9.27 -0.63 0.91
C VAL B 201 -8.59 0.45 1.74
N SER B 202 -7.26 0.53 1.65
CA SER B 202 -6.56 1.55 2.41
C SER B 202 -7.04 2.95 2.03
N LEU B 203 -7.22 3.22 0.73
CA LEU B 203 -7.76 4.50 0.30
C LEU B 203 -9.11 4.78 0.96
N HIS B 204 -9.97 3.75 0.98
CA HIS B 204 -11.34 3.95 1.45
C HIS B 204 -11.40 4.16 2.96
N VAL B 205 -10.66 3.36 3.74
CA VAL B 205 -10.71 3.54 5.19
C VAL B 205 -9.97 4.80 5.61
N LEU B 206 -8.85 5.12 4.95
CA LEU B 206 -8.22 6.42 5.23
C LEU B 206 -9.16 7.56 4.86
N GLY B 207 -9.98 7.36 3.83
CA GLY B 207 -11.03 8.32 3.50
C GLY B 207 -12.02 8.50 4.64
N MET B 208 -12.47 7.39 5.22
CA MET B 208 -13.35 7.47 6.38
C MET B 208 -12.68 8.25 7.52
N ILE B 209 -11.38 8.00 7.75
CA ILE B 209 -10.66 8.72 8.80
C ILE B 209 -10.61 10.22 8.49
N VAL B 210 -10.12 10.60 7.30
CA VAL B 210 -9.87 12.01 7.06
C VAL B 210 -11.14 12.80 6.86
N ASN B 211 -12.22 12.15 6.47
CA ASN B 211 -13.49 12.83 6.33
C ASN B 211 -14.30 12.83 7.62
N GLY B 212 -13.72 12.32 8.71
CA GLY B 212 -14.29 12.49 10.03
C GLY B 212 -15.33 11.47 10.46
N VAL B 213 -15.44 10.35 9.76
CA VAL B 213 -16.48 9.37 10.11
C VAL B 213 -16.33 8.93 11.56
N PHE B 214 -15.11 8.59 11.98
CA PHE B 214 -14.91 8.11 13.34
C PHE B 214 -14.94 9.21 14.38
N ASP B 215 -14.81 10.46 13.95
CA ASP B 215 -15.00 11.57 14.88
C ASP B 215 -16.48 11.79 15.15
N ARG B 216 -17.32 11.62 14.12
CA ARG B 216 -18.75 11.76 14.32
C ARG B 216 -19.36 10.53 14.96
N PHE B 217 -18.72 9.37 14.81
CA PHE B 217 -19.22 8.10 15.36
C PHE B 217 -18.08 7.40 16.10
N PRO B 218 -17.74 7.91 17.29
CA PRO B 218 -16.60 7.31 18.01
C PRO B 218 -16.82 5.87 18.43
N LYS B 219 -18.07 5.39 18.47
CA LYS B 219 -18.33 3.99 18.83
C LYS B 219 -18.34 3.06 17.62
N LEU B 220 -18.16 3.58 16.42
CA LEU B 220 -18.21 2.74 15.23
C LEU B 220 -17.04 1.76 15.22
N LYS B 221 -17.32 0.53 14.80
CA LYS B 221 -16.32 -0.53 14.74
C LYS B 221 -16.15 -0.95 13.30
N VAL B 222 -14.91 -0.93 12.81
CA VAL B 222 -14.58 -1.34 11.44
C VAL B 222 -13.49 -2.39 11.52
N ILE B 223 -13.58 -3.39 10.65
CA ILE B 223 -12.60 -4.46 10.57
C ILE B 223 -11.94 -4.40 9.20
N LEU B 224 -10.61 -4.54 9.18
CA LEU B 224 -9.81 -4.65 7.96
C LEU B 224 -9.09 -5.99 7.96
N GLY B 225 -9.10 -6.67 6.81
CA GLY B 225 -8.37 -7.91 6.65
C GLY B 225 -6.91 -7.67 6.31
N HIS B 226 -6.19 -8.78 6.14
CA HIS B 226 -4.86 -8.73 5.54
C HIS B 226 -3.90 -7.88 6.35
N LEU B 227 -4.07 -7.90 7.67
CA LEU B 227 -3.25 -7.13 8.60
C LEU B 227 -3.22 -5.65 8.24
N GLY B 228 -4.35 -5.12 7.80
CA GLY B 228 -4.51 -3.67 7.70
C GLY B 228 -4.19 -3.05 6.35
N GLU B 229 -4.06 -3.86 5.29
CA GLU B 229 -4.14 -3.34 3.92
C GLU B 229 -3.10 -2.25 3.66
N HIS B 230 -1.83 -2.52 4.02
CA HIS B 230 -0.65 -1.68 3.82
C HIS B 230 -0.47 -0.60 4.87
N ILE B 231 -1.48 -0.33 5.68
CA ILE B 231 -1.41 0.86 6.52
C ILE B 231 -0.39 0.73 7.65
N PRO B 232 -0.27 -0.40 8.36
CA PRO B 232 0.64 -0.42 9.52
C PRO B 232 2.09 -0.08 9.19
N GLY B 233 2.63 -0.59 8.09
CA GLY B 233 3.99 -0.22 7.71
C GLY B 233 4.14 1.26 7.48
N ASP B 234 3.04 1.95 7.17
CA ASP B 234 3.04 3.39 6.95
C ASP B 234 2.45 4.18 8.10
N PHE B 235 2.23 3.57 9.26
CA PHE B 235 1.68 4.35 10.39
C PHE B 235 2.51 5.61 10.64
N TRP B 236 3.84 5.48 10.65
CA TRP B 236 4.66 6.67 10.94
C TRP B 236 4.48 7.72 9.85
N ARG B 237 4.62 7.29 8.58
CA ARG B 237 4.62 8.23 7.47
C ARG B 237 3.29 8.95 7.34
N ILE B 238 2.18 8.22 7.47
CA ILE B 238 0.87 8.85 7.33
C ILE B 238 0.65 9.87 8.45
N GLU B 239 0.89 9.46 9.70
CA GLU B 239 0.67 10.40 10.82
C GLU B 239 1.60 11.60 10.70
N HIS B 240 2.86 11.36 10.33
CA HIS B 240 3.78 12.47 10.15
C HIS B 240 3.27 13.45 9.09
N TRP B 241 2.78 12.94 7.96
CA TRP B 241 2.30 13.82 6.90
C TRP B 241 1.08 14.59 7.36
N PHE B 242 0.22 13.94 8.15
CA PHE B 242 -0.95 14.64 8.67
C PHE B 242 -0.51 15.79 9.59
N GLU B 243 0.53 15.57 10.39
CA GLU B 243 1.01 16.62 11.29
C GLU B 243 1.70 17.74 10.54
N HIS B 244 2.53 17.37 9.56
CA HIS B 244 3.43 18.32 8.88
C HIS B 244 2.70 19.09 7.78
N CYS B 245 1.73 18.45 7.12
CA CYS B 245 1.00 19.03 6.00
C CYS B 245 -0.51 19.06 6.23
N SER B 246 -1.16 17.89 6.37
CA SER B 246 -2.59 17.82 6.09
C SER B 246 -3.43 18.58 7.11
N ARG B 247 -3.15 18.39 8.41
CA ARG B 247 -3.96 19.03 9.43
C ARG B 247 -3.90 20.55 9.34
N PRO B 248 -2.73 21.19 9.34
CA PRO B 248 -2.72 22.67 9.21
C PRO B 248 -3.23 23.17 7.88
N LEU B 249 -3.01 22.42 6.79
CA LEU B 249 -3.51 22.85 5.49
C LEU B 249 -5.03 22.82 5.48
N ALA B 250 -5.62 21.72 5.93
CA ALA B 250 -7.09 21.65 5.97
C ALA B 250 -7.66 22.72 6.89
N LYS B 251 -7.05 22.91 8.06
CA LYS B 251 -7.55 23.92 8.99
C LYS B 251 -7.55 25.31 8.36
N SER B 252 -6.52 25.61 7.58
CA SER B 252 -6.37 26.94 6.96
C SER B 252 -7.45 27.22 5.93
N ARG B 253 -8.09 26.18 5.40
CA ARG B 253 -9.15 26.32 4.42
C ARG B 253 -10.53 26.13 5.03
N GLY B 254 -10.62 25.76 6.31
CA GLY B 254 -11.91 25.39 6.87
C GLY B 254 -12.44 24.06 6.38
N ASP B 255 -11.56 23.16 5.93
CA ASP B 255 -11.94 21.84 5.44
C ASP B 255 -11.98 20.83 6.58
N VAL B 256 -12.92 19.88 6.50
CA VAL B 256 -12.99 18.79 7.47
C VAL B 256 -11.72 17.98 7.44
N PHE B 257 -11.23 17.61 8.62
CA PHE B 257 -10.11 16.71 8.71
C PHE B 257 -10.24 15.91 10.01
N ALA B 258 -9.59 14.75 10.04
CA ALA B 258 -9.60 13.90 11.23
C ALA B 258 -9.11 14.69 12.45
N GLU B 259 -9.80 14.51 13.57
CA GLU B 259 -9.48 15.25 14.79
C GLU B 259 -8.43 14.58 15.66
N LYS B 260 -8.16 13.29 15.47
CA LYS B 260 -7.28 12.54 16.33
C LYS B 260 -6.09 12.00 15.55
N PRO B 261 -5.03 11.57 16.24
CA PRO B 261 -3.90 10.94 15.55
C PRO B 261 -4.32 9.62 14.90
N LEU B 262 -3.59 9.25 13.86
CA LEU B 262 -3.91 8.04 13.11
C LEU B 262 -4.05 6.83 14.02
N LEU B 263 -3.11 6.64 14.94
CA LEU B 263 -3.16 5.43 15.76
C LEU B 263 -4.36 5.42 16.70
N HIS B 264 -4.92 6.59 17.02
CA HIS B 264 -6.11 6.60 17.86
C HIS B 264 -7.21 5.77 17.21
N TYR B 265 -7.41 5.97 15.91
CA TYR B 265 -8.46 5.21 15.24
C TYR B 265 -8.15 3.72 15.21
N PHE B 266 -6.87 3.37 15.03
CA PHE B 266 -6.45 1.96 15.02
C PHE B 266 -6.41 1.34 16.41
N ARG B 267 -6.53 2.14 17.47
CA ARG B 267 -6.57 1.63 18.82
C ARG B 267 -7.94 1.70 19.43
N ASN B 268 -8.93 2.24 18.69
CA ASN B 268 -10.29 2.41 19.22
C ASN B 268 -11.38 1.97 18.27
N ASN B 269 -11.22 2.22 16.97
CA ASN B 269 -12.31 1.97 16.02
C ASN B 269 -12.04 0.84 15.06
N ILE B 270 -10.79 0.45 14.86
CA ILE B 270 -10.45 -0.50 13.82
C ILE B 270 -9.80 -1.73 14.43
N TRP B 271 -10.20 -2.90 13.94
CA TRP B 271 -9.60 -4.19 14.26
C TRP B 271 -9.02 -4.77 12.98
N LEU B 272 -7.92 -5.50 13.09
CA LEU B 272 -7.29 -6.13 11.94
C LEU B 272 -7.47 -7.63 12.03
N THR B 273 -7.54 -8.30 10.88
CA THR B 273 -7.50 -9.76 10.89
C THR B 273 -6.25 -10.26 10.18
N THR B 274 -5.93 -11.54 10.40
CA THR B 274 -4.77 -12.16 9.76
C THR B 274 -5.11 -12.79 8.44
N SER B 275 -6.25 -12.46 7.84
CA SER B 275 -6.67 -13.13 6.60
C SER B 275 -5.57 -13.03 5.55
N GLY B 276 -5.24 -14.17 4.94
CA GLY B 276 -4.24 -14.18 3.87
C GLY B 276 -2.90 -13.59 4.22
N ASN B 277 -2.53 -13.62 5.51
CA ASN B 277 -1.31 -12.93 5.94
C ASN B 277 -0.75 -13.71 7.13
N PHE B 278 -0.30 -14.94 6.85
CA PHE B 278 0.12 -15.91 7.86
C PHE B 278 1.60 -15.69 8.19
N SER B 279 1.87 -14.44 8.61
CA SER B 279 3.21 -13.91 8.75
C SER B 279 3.48 -13.54 10.20
N THR B 280 4.29 -14.34 10.88
CA THR B 280 4.58 -14.02 12.28
C THR B 280 5.26 -12.66 12.42
N GLU B 281 6.17 -12.34 11.48
CA GLU B 281 6.90 -11.07 11.55
C GLU B 281 5.97 -9.89 11.33
N THR B 282 5.04 -9.98 10.37
CA THR B 282 4.13 -8.87 10.15
C THR B 282 3.14 -8.76 11.30
N LEU B 283 2.67 -9.90 11.81
CA LEU B 283 1.80 -9.90 12.96
C LEU B 283 2.46 -9.22 14.16
N LYS B 284 3.74 -9.54 14.41
CA LYS B 284 4.46 -8.91 15.52
C LYS B 284 4.47 -7.40 15.37
N PHE B 285 4.84 -6.91 14.19
CA PHE B 285 4.87 -5.47 13.96
C PHE B 285 3.51 -4.84 14.22
N CYS B 286 2.44 -5.50 13.76
CA CYS B 286 1.10 -4.96 14.01
C CYS B 286 0.76 -4.96 15.49
N VAL B 287 1.04 -6.06 16.19
CA VAL B 287 0.78 -6.13 17.63
C VAL B 287 1.48 -5.00 18.36
N GLU B 288 2.74 -4.75 18.01
CA GLU B 288 3.53 -3.70 18.67
C GLU B 288 2.90 -2.33 18.50
N HIS B 289 2.10 -2.14 17.47
CA HIS B 289 1.48 -0.84 17.24
C HIS B 289 0.04 -0.73 17.72
N VAL B 290 -0.79 -1.74 17.50
CA VAL B 290 -2.21 -1.63 17.80
C VAL B 290 -2.63 -2.40 19.03
N GLY B 291 -1.80 -3.31 19.54
CA GLY B 291 -2.14 -4.16 20.69
C GLY B 291 -2.64 -5.52 20.25
N ALA B 292 -2.27 -6.55 21.01
CA ALA B 292 -2.71 -7.90 20.69
C ALA B 292 -4.23 -8.05 20.77
N GLU B 293 -4.91 -7.21 21.55
CA GLU B 293 -6.35 -7.34 21.66
C GLU B 293 -7.11 -6.82 20.45
N ARG B 294 -6.43 -6.23 19.48
CA ARG B 294 -7.08 -5.63 18.31
C ARG B 294 -6.83 -6.41 17.02
N ILE B 295 -6.25 -7.60 17.12
CA ILE B 295 -5.99 -8.42 15.95
C ILE B 295 -6.73 -9.74 16.11
N LEU B 296 -7.40 -10.17 15.05
CA LEU B 296 -8.22 -11.39 15.04
C LEU B 296 -7.65 -12.37 14.02
N PHE B 297 -7.50 -13.63 14.41
CA PHE B 297 -7.20 -14.68 13.43
C PHE B 297 -8.29 -14.71 12.37
N SER B 298 -7.88 -15.02 11.13
CA SER B 298 -8.82 -15.40 10.07
C SER B 298 -8.02 -16.04 8.94
N VAL B 299 -8.71 -16.83 8.10
CA VAL B 299 -8.06 -17.57 7.01
C VAL B 299 -8.14 -16.86 5.67
N ASP B 300 -9.33 -16.38 5.27
CA ASP B 300 -9.62 -15.93 3.89
C ASP B 300 -9.97 -17.11 2.98
N SER B 301 -10.64 -18.13 3.52
CA SER B 301 -11.12 -19.19 2.65
C SER B 301 -12.24 -18.63 1.77
N PRO B 302 -12.41 -19.16 0.55
CA PRO B 302 -11.69 -20.28 -0.06
C PRO B 302 -10.53 -19.83 -0.93
N TYR B 303 -10.20 -18.53 -0.89
CA TYR B 303 -9.05 -18.09 -1.66
C TYR B 303 -7.74 -18.55 -1.02
N GLU B 304 -7.73 -18.70 0.29
CA GLU B 304 -6.68 -19.35 1.03
C GLU B 304 -7.18 -20.69 1.54
N HIS B 305 -6.24 -21.55 1.95
CA HIS B 305 -6.56 -22.89 2.41
C HIS B 305 -6.63 -22.93 3.93
N ILE B 306 -7.74 -23.43 4.45
CA ILE B 306 -7.94 -23.55 5.90
C ILE B 306 -6.76 -24.29 6.55
N ASP B 307 -6.31 -25.39 5.93
CA ASP B 307 -5.21 -26.15 6.51
C ASP B 307 -3.92 -25.36 6.57
N VAL B 308 -3.72 -24.43 5.63
CA VAL B 308 -2.51 -23.60 5.61
C VAL B 308 -2.58 -22.50 6.68
N GLY B 309 -3.70 -21.78 6.74
CA GLY B 309 -3.83 -20.71 7.71
C GLY B 309 -3.84 -21.24 9.14
N CYS B 310 -4.63 -22.31 9.39
CA CYS B 310 -4.61 -22.92 10.71
C CYS B 310 -3.27 -23.57 11.00
N GLY B 311 -2.64 -24.17 9.98
CA GLY B 311 -1.33 -24.75 10.17
C GLY B 311 -0.30 -23.73 10.63
N TRP B 312 -0.31 -22.54 10.04
CA TRP B 312 0.60 -21.50 10.52
C TRP B 312 0.35 -21.20 11.99
N TYR B 313 -0.90 -20.93 12.37
CA TYR B 313 -1.19 -20.47 13.72
C TYR B 313 -0.92 -21.57 14.73
N ASP B 314 -1.30 -22.79 14.39
CA ASP B 314 -1.16 -23.93 15.29
C ASP B 314 0.28 -24.41 15.39
N ASP B 315 0.95 -24.60 14.26
CA ASP B 315 2.25 -25.28 14.28
C ASP B 315 3.35 -24.40 14.85
N ASN B 316 3.18 -23.07 14.79
CA ASN B 316 4.18 -22.13 15.26
C ASN B 316 3.77 -21.48 16.58
N ALA B 317 2.97 -22.18 17.38
CA ALA B 317 2.39 -21.58 18.57
C ALA B 317 3.44 -20.94 19.47
N LYS B 318 4.55 -21.64 19.73
CA LYS B 318 5.56 -21.10 20.63
C LYS B 318 6.17 -19.82 20.07
N ALA B 319 6.56 -19.84 18.79
CA ALA B 319 7.16 -18.64 18.19
C ALA B 319 6.17 -17.50 18.13
N ILE B 320 4.89 -17.79 17.84
CA ILE B 320 3.90 -16.72 17.78
C ILE B 320 3.69 -16.13 19.16
N MET B 321 3.58 -16.99 20.17
CA MET B 321 3.51 -16.49 21.54
C MET B 321 4.64 -15.52 21.89
N GLU B 322 5.89 -15.85 21.50
CA GLU B 322 6.97 -14.91 21.77
C GLU B 322 6.74 -13.59 21.07
N ALA B 323 6.25 -13.66 19.83
CA ALA B 323 6.08 -12.46 19.02
C ALA B 323 4.97 -11.57 19.52
N VAL B 324 3.89 -12.14 20.09
CA VAL B 324 2.70 -11.35 20.41
C VAL B 324 2.54 -11.04 21.88
N GLY B 325 3.43 -11.53 22.74
CA GLY B 325 3.42 -11.20 24.14
C GLY B 325 2.89 -12.26 25.09
N GLY B 326 2.84 -13.52 24.69
CA GLY B 326 2.58 -14.58 25.63
C GLY B 326 1.33 -15.38 25.30
N GLU B 327 1.02 -16.31 26.21
CA GLU B 327 -0.06 -17.26 25.98
C GLU B 327 -1.42 -16.59 25.86
N LYS B 328 -1.74 -15.67 26.76
CA LYS B 328 -3.03 -14.99 26.69
C LYS B 328 -3.19 -14.21 25.39
N ALA B 329 -2.16 -13.48 24.99
CA ALA B 329 -2.22 -12.72 23.75
C ALA B 329 -2.48 -13.65 22.57
N TYR B 330 -1.84 -14.83 22.58
CA TYR B 330 -2.02 -15.80 21.50
C TYR B 330 -3.45 -16.33 21.46
N LYS B 331 -4.02 -16.64 22.63
CA LYS B 331 -5.41 -17.09 22.67
C LYS B 331 -6.39 -15.97 22.33
N ASP B 332 -6.06 -14.74 22.71
CA ASP B 332 -6.87 -13.58 22.33
C ASP B 332 -6.94 -13.44 20.82
N ILE B 333 -5.79 -13.43 20.15
CA ILE B 333 -5.80 -13.33 18.69
C ILE B 333 -6.52 -14.53 18.06
N GLY B 334 -6.27 -15.73 18.56
CA GLY B 334 -6.88 -16.90 17.95
C GLY B 334 -8.39 -16.94 18.09
N ARG B 335 -8.92 -16.44 19.20
CA ARG B 335 -10.30 -16.73 19.54
C ARG B 335 -10.95 -15.68 20.42
N ASP B 336 -10.29 -15.28 21.51
CA ASP B 336 -11.02 -14.58 22.55
C ASP B 336 -11.30 -13.12 22.22
N ASN B 337 -10.47 -12.49 21.38
CA ASN B 337 -10.79 -11.14 20.94
C ASN B 337 -12.10 -11.13 20.16
N ALA B 338 -12.24 -12.05 19.21
CA ALA B 338 -13.46 -12.12 18.40
C ALA B 338 -14.65 -12.56 19.24
N LYS B 339 -14.46 -13.52 20.15
CA LYS B 339 -15.53 -13.93 21.04
C LYS B 339 -16.11 -12.73 21.77
N LYS B 340 -15.25 -11.86 22.26
CA LYS B 340 -15.70 -10.69 23.00
C LYS B 340 -16.30 -9.64 22.06
N LEU B 341 -15.63 -9.37 20.94
CA LEU B 341 -16.11 -8.36 20.00
C LEU B 341 -17.50 -8.67 19.46
N PHE B 342 -17.75 -9.93 19.10
CA PHE B 342 -19.05 -10.34 18.56
C PHE B 342 -20.02 -10.82 19.62
N LYS B 343 -19.66 -10.68 20.90
CA LYS B 343 -20.55 -11.07 22.01
C LYS B 343 -21.01 -12.52 21.89
N LEU B 344 -20.12 -13.40 21.44
CA LEU B 344 -20.50 -14.80 21.27
C LEU B 344 -20.65 -15.47 22.64
N GLY B 345 -21.68 -16.29 22.76
CA GLY B 345 -21.82 -17.13 23.93
C GLY B 345 -20.85 -18.30 23.84
N LYS B 346 -21.21 -19.38 24.49
CA LYS B 346 -20.48 -20.61 24.27
C LYS B 346 -20.62 -21.03 22.81
N PHE B 347 -19.54 -21.57 22.25
CA PHE B 347 -19.60 -22.13 20.90
C PHE B 347 -18.64 -23.31 20.86
N TYR B 348 -18.58 -23.96 19.71
CA TYR B 348 -17.78 -25.18 19.55
C TYR B 348 -16.33 -24.94 19.96
N ASP B 349 -15.81 -25.75 20.90
CA ASP B 349 -14.44 -25.64 21.38
C ASP B 349 -14.11 -24.26 21.99
N SER B 350 -15.11 -23.49 22.42
CA SER B 350 -14.83 -22.12 22.84
C SER B 350 -14.12 -22.01 24.18
N GLU B 351 -14.21 -23.02 25.03
CA GLU B 351 -13.43 -23.01 26.26
C GLU B 351 -12.25 -23.96 26.21
N ALA B 352 -12.21 -24.82 25.20
CA ALA B 352 -11.10 -25.71 24.93
C ALA B 352 -9.95 -24.88 24.40
#